data_1MN0
#
_entry.id   1MN0
#
_cell.length_a   45.100
_cell.length_b   76.400
_cell.length_c   210.900
_cell.angle_alpha   90.00
_cell.angle_beta   90.00
_cell.angle_gamma   90.00
#
_symmetry.space_group_name_H-M   'P 21 21 21'
#
loop_
_entity.id
_entity.type
_entity.pdbx_description
1 polymer 'Aldose 1-epimerase'
2 non-polymer alpha-D-xylopyranose
3 non-polymer 'NICKEL (II) ION'
4 water water
#
_entity_poly.entity_id   1
_entity_poly.type   'polypeptide(L)'
_entity_poly.pdbx_seq_one_letter_code
;MSIKIRDFGLGSDLISLTNKAGVTISFTNLGARIVDWQKDGKHLILGFDSAKEYLEKDAYPGATVGPTAGRIKDGLVKIS
GKDYILNQNEGPQTLHGGEESIHTKLWTYEVTDLGAEVQVKFSLVSNDGTNGYPGKIEMSVTHSFDDDNKWKIHYEAISD
KDTVFNPTGHVYFNLNGDASESVENHGLRLAASRFVPLKDQTEIVRGDIVDIKNTDLDFRQEKQLSNAFNSNMEQVQLVK
GIDHPFLLDQLGLDKEQARLTLDDTSISVFTDQPSIVIFTANFGDLGTLYHEKKQVHHGGITFECQVSPGSEQIPELGDI
SLKAGEKYQATTIYSLHTKLEHHHHHH
;
_entity_poly.pdbx_strand_id   A,B
#
# COMPACT_ATOMS: atom_id res chain seq x y z
N SER A 2 -6.86 -15.32 -23.76
CA SER A 2 -5.96 -14.19 -23.92
C SER A 2 -5.97 -13.33 -22.67
N ILE A 3 -4.92 -12.52 -22.50
CA ILE A 3 -4.75 -11.64 -21.34
C ILE A 3 -4.57 -10.20 -21.77
N LYS A 4 -5.21 -9.29 -21.08
CA LYS A 4 -5.03 -7.92 -21.44
C LYS A 4 -4.88 -7.07 -20.20
N ILE A 5 -3.84 -6.23 -20.18
CA ILE A 5 -3.61 -5.38 -19.02
C ILE A 5 -3.72 -3.91 -19.38
N ARG A 6 -4.45 -3.15 -18.58
CA ARG A 6 -4.56 -1.76 -18.90
C ARG A 6 -4.65 -0.89 -17.66
N ASP A 7 -4.28 0.39 -17.84
CA ASP A 7 -4.31 1.38 -16.76
C ASP A 7 -5.77 1.59 -16.34
N PHE A 8 -6.10 1.24 -15.09
CA PHE A 8 -7.46 1.40 -14.58
C PHE A 8 -7.77 2.70 -13.82
N GLY A 9 -6.78 3.60 -13.80
CA GLY A 9 -6.86 4.89 -13.13
C GLY A 9 -6.22 4.85 -11.73
N LEU A 10 -5.71 6.02 -11.36
CA LEU A 10 -5.09 6.19 -10.05
C LEU A 10 -3.85 5.33 -9.85
N GLY A 11 -3.21 4.88 -10.94
CA GLY A 11 -2.04 4.01 -10.82
C GLY A 11 -2.40 2.57 -10.70
N SER A 12 -3.68 2.23 -10.81
CA SER A 12 -4.08 0.85 -10.75
C SER A 12 -4.14 0.23 -12.14
N ASP A 13 -4.15 -1.10 -12.15
CA ASP A 13 -4.23 -1.89 -13.37
C ASP A 13 -5.51 -2.67 -13.45
N LEU A 14 -5.93 -2.91 -14.70
CA LEU A 14 -7.07 -3.77 -14.97
C LEU A 14 -6.49 -4.94 -15.76
N ILE A 15 -6.70 -6.13 -15.23
CA ILE A 15 -6.23 -7.38 -15.81
C ILE A 15 -7.45 -8.17 -16.35
N SER A 16 -7.56 -8.33 -17.65
CA SER A 16 -8.72 -9.05 -18.19
C SER A 16 -8.35 -10.37 -18.82
N LEU A 17 -9.08 -11.40 -18.44
CA LEU A 17 -8.82 -12.74 -18.96
C LEU A 17 -10.00 -13.28 -19.73
N THR A 18 -9.74 -13.78 -20.93
CA THR A 18 -10.78 -14.38 -21.81
C THR A 18 -10.35 -15.79 -22.06
N ASN A 19 -11.17 -16.75 -21.66
CA ASN A 19 -10.83 -18.14 -21.82
C ASN A 19 -11.25 -18.64 -23.19
N LYS A 20 -11.03 -19.93 -23.41
CA LYS A 20 -11.39 -20.56 -24.68
C LYS A 20 -12.87 -20.40 -25.08
N ALA A 21 -13.76 -20.33 -24.09
CA ALA A 21 -15.18 -20.20 -24.37
C ALA A 21 -15.62 -18.75 -24.64
N GLY A 22 -14.67 -17.83 -24.66
CA GLY A 22 -15.00 -16.45 -24.94
C GLY A 22 -15.56 -15.74 -23.72
N VAL A 23 -15.36 -16.33 -22.52
CA VAL A 23 -15.86 -15.67 -21.33
C VAL A 23 -14.78 -14.73 -20.84
N THR A 24 -15.20 -13.54 -20.43
CA THR A 24 -14.28 -12.53 -19.93
C THR A 24 -14.46 -12.18 -18.45
N ILE A 25 -13.35 -12.25 -17.71
CA ILE A 25 -13.37 -11.88 -16.30
C ILE A 25 -12.24 -10.89 -16.09
N SER A 26 -12.50 -9.86 -15.32
CA SER A 26 -11.45 -8.87 -15.13
C SER A 26 -11.21 -8.48 -13.66
N PHE A 27 -9.96 -8.10 -13.32
CA PHE A 27 -9.64 -7.78 -11.95
C PHE A 27 -8.78 -6.58 -11.86
N THR A 28 -8.74 -6.02 -10.66
CA THR A 28 -7.88 -4.91 -10.43
C THR A 28 -7.02 -5.09 -9.17
N ASN A 29 -5.80 -4.51 -9.15
CA ASN A 29 -4.94 -4.63 -7.98
C ASN A 29 -5.39 -3.75 -6.83
N LEU A 30 -6.29 -2.81 -7.12
CA LEU A 30 -6.85 -1.99 -6.08
C LEU A 30 -7.82 -2.86 -5.30
N GLY A 31 -7.37 -3.41 -4.18
CA GLY A 31 -8.23 -4.25 -3.37
C GLY A 31 -8.26 -5.72 -3.84
N ALA A 32 -7.32 -6.17 -4.72
CA ALA A 32 -7.28 -7.57 -5.24
C ALA A 32 -8.72 -7.98 -5.50
N ARG A 33 -9.34 -7.24 -6.42
CA ARG A 33 -10.74 -7.35 -6.69
C ARG A 33 -11.26 -7.71 -8.07
N ILE A 34 -12.43 -8.32 -8.08
CA ILE A 34 -13.00 -8.65 -9.36
C ILE A 34 -13.81 -7.43 -9.78
N VAL A 35 -13.61 -7.01 -11.03
CA VAL A 35 -14.33 -5.86 -11.55
C VAL A 35 -15.53 -6.24 -12.46
N ASP A 36 -15.32 -7.26 -13.29
CA ASP A 36 -16.36 -7.68 -14.20
C ASP A 36 -16.24 -9.15 -14.56
N TRP A 37 -17.36 -9.69 -14.98
CA TRP A 37 -17.44 -11.07 -15.39
C TRP A 37 -18.56 -11.04 -16.42
N GLN A 38 -18.21 -11.30 -17.69
CA GLN A 38 -19.23 -11.28 -18.74
C GLN A 38 -19.27 -12.41 -19.75
N LYS A 39 -20.48 -12.63 -20.22
CA LYS A 39 -20.82 -13.63 -21.20
C LYS A 39 -21.76 -13.06 -22.22
N ASP A 40 -21.34 -13.17 -23.47
CA ASP A 40 -22.12 -12.66 -24.59
C ASP A 40 -22.59 -11.26 -24.35
N GLY A 41 -21.64 -10.42 -23.92
CA GLY A 41 -21.81 -9.00 -23.63
C GLY A 41 -22.58 -8.63 -22.37
N LYS A 42 -23.03 -9.63 -21.59
CA LYS A 42 -23.80 -9.35 -20.40
C LYS A 42 -22.96 -9.50 -19.15
N HIS A 43 -23.11 -8.57 -18.25
CA HIS A 43 -22.39 -8.62 -17.00
C HIS A 43 -23.09 -9.51 -16.02
N LEU A 44 -22.36 -10.42 -15.41
CA LEU A 44 -22.95 -11.29 -14.40
C LEU A 44 -22.89 -10.72 -12.98
N ILE A 45 -21.97 -9.80 -12.80
CA ILE A 45 -21.71 -9.16 -11.53
C ILE A 45 -21.68 -7.66 -11.66
N LEU A 46 -21.72 -7.04 -10.49
CA LEU A 46 -21.72 -5.59 -10.38
C LEU A 46 -20.29 -5.04 -10.34
N GLY A 47 -20.10 -3.91 -11.00
CA GLY A 47 -18.78 -3.33 -11.03
C GLY A 47 -18.80 -1.97 -11.70
N PHE A 48 -17.72 -1.24 -11.49
CA PHE A 48 -17.54 0.08 -12.05
C PHE A 48 -16.59 0.12 -13.23
N ASP A 49 -16.47 1.30 -13.78
CA ASP A 49 -15.63 1.41 -14.93
C ASP A 49 -14.24 2.00 -14.69
N SER A 50 -13.92 2.43 -13.45
CA SER A 50 -12.60 2.98 -13.24
C SER A 50 -12.26 2.90 -11.80
N ALA A 51 -10.96 3.01 -11.50
CA ALA A 51 -10.58 2.97 -10.09
C ALA A 51 -11.29 4.02 -9.22
N LYS A 52 -11.34 5.23 -9.76
CA LYS A 52 -11.96 6.33 -9.02
C LYS A 52 -13.36 6.03 -8.53
N GLU A 53 -14.14 5.34 -9.37
CA GLU A 53 -15.52 5.02 -9.02
C GLU A 53 -15.66 4.25 -7.74
N TYR A 54 -14.75 3.33 -7.61
CA TYR A 54 -14.76 2.54 -6.42
C TYR A 54 -14.41 3.37 -5.22
N LEU A 55 -13.43 4.26 -5.33
CA LEU A 55 -13.11 5.04 -4.15
C LEU A 55 -14.16 6.10 -3.86
N GLU A 56 -14.92 6.49 -4.84
CA GLU A 56 -15.91 7.52 -4.56
C GLU A 56 -17.30 7.00 -4.26
N LYS A 57 -17.67 5.92 -4.91
CA LYS A 57 -18.99 5.37 -4.75
C LYS A 57 -19.12 4.31 -3.71
N ASP A 58 -18.40 3.22 -3.89
CA ASP A 58 -18.50 2.15 -2.93
C ASP A 58 -17.29 1.28 -3.12
N ALA A 59 -16.44 1.21 -2.08
CA ALA A 59 -15.23 0.44 -2.18
C ALA A 59 -15.33 -1.03 -1.94
N TYR A 60 -16.50 -1.51 -1.54
CA TYR A 60 -16.56 -2.95 -1.26
C TYR A 60 -16.77 -3.93 -2.40
N PRO A 61 -17.57 -3.54 -3.38
CA PRO A 61 -17.90 -4.44 -4.47
C PRO A 61 -16.77 -5.19 -5.16
N GLY A 62 -16.78 -6.50 -5.08
CA GLY A 62 -15.75 -7.28 -5.74
C GLY A 62 -14.42 -7.43 -4.97
N ALA A 63 -14.27 -6.64 -3.93
CA ALA A 63 -13.01 -6.64 -3.16
C ALA A 63 -12.70 -7.76 -2.20
N THR A 64 -11.40 -7.90 -1.94
CA THR A 64 -10.89 -8.78 -0.93
C THR A 64 -11.07 -7.88 0.33
N VAL A 65 -11.82 -8.31 1.34
CA VAL A 65 -12.03 -7.59 2.56
C VAL A 65 -11.42 -8.40 3.68
N GLY A 66 -10.86 -7.68 4.63
CA GLY A 66 -10.21 -8.32 5.73
C GLY A 66 -9.39 -7.29 6.47
N PRO A 67 -8.53 -7.75 7.35
CA PRO A 67 -8.23 -9.15 7.67
C PRO A 67 -9.34 -9.98 8.22
N THR A 68 -10.32 -9.32 8.85
CA THR A 68 -11.43 -10.04 9.34
C THR A 68 -12.64 -9.49 8.62
N ALA A 69 -13.41 -10.36 7.98
CA ALA A 69 -14.62 -9.91 7.27
C ALA A 69 -15.83 -9.85 8.22
N GLY A 70 -16.63 -8.80 8.09
CA GLY A 70 -17.80 -8.69 8.94
C GLY A 70 -17.64 -7.73 10.08
N ARG A 71 -18.67 -7.70 10.92
CA ARG A 71 -18.65 -6.84 12.07
C ARG A 71 -18.17 -7.53 13.33
N ILE A 72 -17.26 -6.78 14.00
CA ILE A 72 -16.73 -7.18 15.28
C ILE A 72 -17.27 -6.23 16.37
N LYS A 73 -18.10 -6.79 17.24
CA LYS A 73 -18.70 -6.02 18.31
C LYS A 73 -17.68 -5.23 19.17
N ASP A 74 -17.90 -3.93 19.28
CA ASP A 74 -17.01 -3.05 20.04
C ASP A 74 -15.57 -3.05 19.57
N GLY A 75 -15.30 -3.66 18.40
CA GLY A 75 -13.96 -3.76 17.85
C GLY A 75 -13.06 -4.59 18.76
N LEU A 76 -13.66 -5.41 19.58
CA LEU A 76 -12.94 -6.21 20.54
C LEU A 76 -12.66 -7.67 20.25
N VAL A 77 -11.38 -8.06 20.22
CA VAL A 77 -10.97 -9.45 20.03
C VAL A 77 -10.01 -9.85 21.13
N LYS A 78 -9.98 -11.12 21.47
CA LYS A 78 -9.08 -11.55 22.51
C LYS A 78 -8.02 -12.36 21.85
N ILE A 79 -6.78 -12.02 22.14
CA ILE A 79 -5.65 -12.74 21.53
C ILE A 79 -4.76 -13.22 22.63
N SER A 80 -4.54 -14.54 22.63
CA SER A 80 -3.73 -15.16 23.66
C SER A 80 -4.09 -14.61 25.04
N GLY A 81 -5.41 -14.57 25.27
CA GLY A 81 -6.00 -14.09 26.51
C GLY A 81 -5.94 -12.57 26.62
N LYS A 82 -5.42 -11.90 25.63
CA LYS A 82 -5.36 -10.48 25.78
C LYS A 82 -6.39 -9.79 24.90
N ASP A 83 -6.98 -8.77 25.47
CA ASP A 83 -7.98 -8.00 24.75
C ASP A 83 -7.31 -7.03 23.79
N TYR A 84 -7.80 -6.94 22.58
CA TYR A 84 -7.21 -6.00 21.66
C TYR A 84 -8.32 -5.21 21.03
N ILE A 85 -8.18 -3.88 20.96
CA ILE A 85 -9.16 -3.03 20.34
C ILE A 85 -8.75 -2.67 18.91
N LEU A 86 -9.58 -3.03 17.93
CA LEU A 86 -9.37 -2.78 16.52
C LEU A 86 -9.94 -1.45 16.15
N ASN A 87 -9.59 -1.02 14.95
CA ASN A 87 -10.09 0.25 14.40
C ASN A 87 -11.62 0.16 14.30
N GLN A 88 -12.31 1.18 14.84
CA GLN A 88 -13.76 1.20 14.83
C GLN A 88 -14.25 2.15 13.74
N ASN A 89 -14.91 1.61 12.75
CA ASN A 89 -15.35 2.43 11.65
C ASN A 89 -16.84 2.40 11.37
N GLU A 90 -17.61 1.85 12.29
CA GLU A 90 -19.05 1.82 12.12
C GLU A 90 -19.54 1.85 13.53
N GLY A 91 -19.56 3.08 14.03
CA GLY A 91 -19.92 3.26 15.41
C GLY A 91 -18.77 2.58 16.15
N PRO A 92 -19.07 1.77 17.18
CA PRO A 92 -18.05 1.07 17.97
C PRO A 92 -17.63 -0.24 17.34
N GLN A 93 -18.27 -0.60 16.24
CA GLN A 93 -17.88 -1.84 15.65
C GLN A 93 -16.76 -1.66 14.68
N THR A 94 -16.05 -2.76 14.44
CA THR A 94 -15.01 -2.89 13.43
C THR A 94 -15.71 -3.66 12.29
N LEU A 95 -15.93 -2.98 11.17
CA LEU A 95 -16.57 -3.56 10.01
C LEU A 95 -15.56 -3.79 8.90
N HIS A 96 -15.40 -5.02 8.44
CA HIS A 96 -14.47 -5.31 7.35
C HIS A 96 -13.02 -4.81 7.50
N GLY A 97 -12.50 -5.03 8.69
CA GLY A 97 -11.17 -4.68 9.08
C GLY A 97 -10.89 -3.23 9.43
N GLY A 98 -11.89 -2.40 9.58
CA GLY A 98 -11.62 -0.99 9.90
C GLY A 98 -11.49 -0.08 8.67
N GLU A 99 -11.24 1.17 8.96
CA GLU A 99 -11.15 2.17 7.91
C GLU A 99 -9.92 1.98 7.03
N GLU A 100 -10.06 2.39 5.77
CA GLU A 100 -8.95 2.35 4.86
C GLU A 100 -8.25 1.02 4.89
N SER A 101 -9.05 -0.01 4.97
CA SER A 101 -8.51 -1.35 4.99
C SER A 101 -7.92 -1.88 3.69
N ILE A 102 -7.61 -3.18 3.71
CA ILE A 102 -6.98 -3.77 2.55
C ILE A 102 -7.68 -3.67 1.20
N HIS A 103 -8.99 -3.43 1.18
CA HIS A 103 -9.68 -3.31 -0.10
C HIS A 103 -9.41 -1.95 -0.74
N THR A 104 -8.74 -1.07 -0.03
CA THR A 104 -8.48 0.26 -0.60
C THR A 104 -7.03 0.43 -0.97
N LYS A 105 -6.25 -0.62 -0.81
CA LYS A 105 -4.83 -0.53 -1.14
C LYS A 105 -4.51 -1.18 -2.49
N LEU A 106 -3.41 -0.71 -3.10
CA LEU A 106 -2.94 -1.23 -4.36
C LEU A 106 -2.03 -2.37 -3.99
N TRP A 107 -2.40 -3.56 -4.40
CA TRP A 107 -1.60 -4.75 -4.12
C TRP A 107 -0.63 -4.98 -5.26
N THR A 108 0.47 -5.69 -4.99
CA THR A 108 1.34 -5.96 -6.12
C THR A 108 0.79 -7.26 -6.72
N TYR A 109 1.18 -7.60 -7.93
CA TYR A 109 0.70 -8.84 -8.53
C TYR A 109 1.57 -9.31 -9.67
N GLU A 110 1.45 -10.61 -9.91
CA GLU A 110 2.11 -11.37 -10.95
C GLU A 110 1.10 -12.28 -11.60
N VAL A 111 1.13 -12.30 -12.94
CA VAL A 111 0.26 -13.10 -13.79
C VAL A 111 0.97 -14.35 -14.25
N THR A 112 0.31 -15.48 -14.15
CA THR A 112 0.87 -16.77 -14.56
C THR A 112 -0.09 -17.43 -15.55
N ASP A 113 0.41 -17.63 -16.76
CA ASP A 113 -0.41 -18.20 -17.78
C ASP A 113 -0.12 -19.65 -17.91
N LEU A 114 -1.14 -20.43 -17.54
CA LEU A 114 -1.00 -21.85 -17.61
C LEU A 114 -1.74 -22.47 -18.79
N GLY A 115 -2.16 -21.67 -19.75
CA GLY A 115 -2.85 -22.22 -20.90
C GLY A 115 -4.33 -22.37 -20.62
N ALA A 116 -4.77 -23.54 -20.10
CA ALA A 116 -6.18 -23.74 -19.79
C ALA A 116 -6.60 -22.87 -18.63
N GLU A 117 -5.59 -22.49 -17.84
CA GLU A 117 -5.80 -21.67 -16.67
C GLU A 117 -4.81 -20.52 -16.55
N VAL A 118 -5.37 -19.38 -16.15
CA VAL A 118 -4.53 -18.21 -15.91
C VAL A 118 -4.69 -17.72 -14.47
N GLN A 119 -3.56 -17.45 -13.84
CA GLN A 119 -3.56 -17.01 -12.47
C GLN A 119 -2.94 -15.64 -12.28
N VAL A 120 -3.57 -14.88 -11.40
CA VAL A 120 -3.13 -13.54 -11.02
C VAL A 120 -2.98 -13.62 -9.51
N LYS A 121 -1.76 -13.54 -9.03
CA LYS A 121 -1.44 -13.60 -7.61
C LYS A 121 -1.15 -12.21 -7.04
N PHE A 122 -2.07 -11.73 -6.19
CA PHE A 122 -1.92 -10.45 -5.56
C PHE A 122 -1.31 -10.58 -4.18
N SER A 123 -0.42 -9.63 -3.85
CA SER A 123 0.22 -9.66 -2.53
C SER A 123 0.21 -8.28 -1.91
N LEU A 124 0.19 -8.35 -0.59
CA LEU A 124 0.15 -7.20 0.29
C LEU A 124 0.63 -7.60 1.66
N VAL A 125 1.37 -6.68 2.28
CA VAL A 125 1.81 -6.89 3.63
C VAL A 125 1.02 -5.94 4.54
N SER A 126 0.42 -6.52 5.57
CA SER A 126 -0.26 -5.74 6.58
C SER A 126 0.78 -5.58 7.70
N ASN A 127 1.20 -4.34 7.96
CA ASN A 127 2.21 -4.13 9.00
C ASN A 127 1.71 -4.46 10.39
N ASP A 128 2.64 -4.84 11.27
CA ASP A 128 2.23 -5.08 12.63
C ASP A 128 1.64 -3.77 13.19
N GLY A 129 0.47 -3.87 13.82
CA GLY A 129 -0.27 -2.76 14.43
C GLY A 129 -1.28 -2.07 13.53
N THR A 130 -1.28 -2.40 12.25
CA THR A 130 -2.24 -1.77 11.31
C THR A 130 -3.69 -1.98 11.72
N ASN A 131 -4.36 -0.86 12.00
CA ASN A 131 -5.75 -0.85 12.43
C ASN A 131 -5.93 -1.70 13.68
N GLY A 132 -4.86 -1.87 14.46
CA GLY A 132 -4.94 -2.62 15.67
C GLY A 132 -4.60 -4.08 15.56
N TYR A 133 -4.40 -4.57 14.34
CA TYR A 133 -4.07 -6.00 14.19
C TYR A 133 -2.62 -6.32 14.36
N PRO A 134 -2.29 -7.36 15.13
CA PRO A 134 -0.91 -7.76 15.32
C PRO A 134 -0.41 -8.37 14.03
N GLY A 135 0.87 -8.19 13.74
CA GLY A 135 1.45 -8.69 12.52
C GLY A 135 2.95 -8.77 12.64
N LYS A 136 3.67 -8.61 11.54
CA LYS A 136 3.12 -8.36 10.23
C LYS A 136 2.51 -9.58 9.64
N ILE A 137 1.55 -9.34 8.77
CA ILE A 137 0.86 -10.43 8.10
C ILE A 137 1.15 -10.33 6.62
N GLU A 138 1.77 -11.38 6.12
CA GLU A 138 2.02 -11.39 4.69
C GLU A 138 0.86 -12.12 4.02
N MET A 139 0.11 -11.45 3.14
CA MET A 139 -1.04 -12.06 2.49
C MET A 139 -0.99 -12.09 0.99
N SER A 140 -1.63 -13.13 0.43
CA SER A 140 -1.74 -13.26 -1.00
C SER A 140 -3.11 -13.80 -1.34
N VAL A 141 -3.65 -13.30 -2.45
CA VAL A 141 -4.95 -13.71 -2.93
C VAL A 141 -4.76 -14.03 -4.38
N THR A 142 -4.95 -15.29 -4.71
CA THR A 142 -4.81 -15.66 -6.08
C THR A 142 -6.15 -15.83 -6.75
N HIS A 143 -6.44 -14.99 -7.75
CA HIS A 143 -7.67 -15.11 -8.51
C HIS A 143 -7.31 -15.90 -9.75
N SER A 144 -8.09 -16.90 -10.07
CA SER A 144 -7.76 -17.66 -11.26
C SER A 144 -9.02 -17.91 -12.07
N PHE A 145 -8.79 -18.13 -13.36
CA PHE A 145 -9.89 -18.38 -14.30
C PHE A 145 -9.49 -19.42 -15.32
N ASP A 146 -10.37 -20.41 -15.53
CA ASP A 146 -10.02 -21.45 -16.47
C ASP A 146 -11.00 -21.66 -17.63
N ASP A 147 -10.56 -22.51 -18.54
CA ASP A 147 -11.42 -22.78 -19.66
C ASP A 147 -12.71 -23.47 -19.26
N ASP A 148 -12.92 -23.81 -18.00
CA ASP A 148 -14.18 -24.47 -17.67
C ASP A 148 -15.11 -23.46 -17.06
N ASN A 149 -14.73 -22.21 -17.18
CA ASN A 149 -15.53 -21.17 -16.60
C ASN A 149 -15.53 -21.20 -15.09
N LYS A 150 -14.42 -21.70 -14.49
CA LYS A 150 -14.29 -21.74 -13.03
C LYS A 150 -13.43 -20.57 -12.51
N TRP A 151 -14.05 -19.70 -11.73
CA TRP A 151 -13.30 -18.60 -11.12
C TRP A 151 -13.02 -18.98 -9.67
N LYS A 152 -11.75 -19.23 -9.42
CA LYS A 152 -11.29 -19.64 -8.11
C LYS A 152 -10.51 -18.54 -7.38
N ILE A 153 -10.64 -18.52 -6.06
CA ILE A 153 -9.99 -17.60 -5.15
C ILE A 153 -9.31 -18.44 -4.06
N HIS A 154 -8.00 -18.25 -4.00
CA HIS A 154 -7.20 -18.94 -3.03
C HIS A 154 -6.40 -17.97 -2.18
N TYR A 155 -6.64 -18.03 -0.88
CA TYR A 155 -5.99 -17.19 0.08
C TYR A 155 -4.89 -17.89 0.82
N GLU A 156 -3.87 -17.11 1.10
CA GLU A 156 -2.80 -17.58 1.90
C GLU A 156 -2.25 -16.43 2.77
N ALA A 157 -1.90 -16.73 4.04
CA ALA A 157 -1.30 -15.76 4.95
C ALA A 157 -0.38 -16.37 5.98
N ILE A 158 0.63 -15.58 6.38
CA ILE A 158 1.56 -15.96 7.44
C ILE A 158 1.81 -14.74 8.29
N SER A 159 1.67 -14.90 9.59
CA SER A 159 1.86 -13.78 10.49
C SER A 159 3.04 -13.97 11.41
N ASP A 160 3.72 -12.86 11.74
CA ASP A 160 4.86 -12.88 12.62
C ASP A 160 4.41 -13.00 14.07
N LYS A 161 3.14 -12.72 14.30
CA LYS A 161 2.62 -12.79 15.64
C LYS A 161 1.22 -13.33 15.62
N ASP A 162 0.78 -13.86 16.77
CA ASP A 162 -0.56 -14.37 16.90
C ASP A 162 -1.51 -13.22 16.62
N THR A 163 -2.50 -13.50 15.82
CA THR A 163 -3.44 -12.47 15.43
C THR A 163 -4.75 -13.14 15.04
N VAL A 164 -5.56 -12.43 14.28
CA VAL A 164 -6.85 -12.96 13.81
C VAL A 164 -6.89 -12.82 12.32
N PHE A 165 -7.56 -13.73 11.63
CA PHE A 165 -7.59 -13.62 10.18
C PHE A 165 -8.72 -14.41 9.57
N ASN A 166 -9.57 -13.73 8.81
CA ASN A 166 -10.72 -14.39 8.21
C ASN A 166 -11.27 -13.48 7.14
N PRO A 167 -10.58 -13.43 6.02
CA PRO A 167 -10.98 -12.56 4.96
C PRO A 167 -12.07 -13.16 4.09
N THR A 168 -12.54 -12.42 3.09
CA THR A 168 -13.55 -12.91 2.15
C THR A 168 -13.56 -12.05 0.93
N GLY A 169 -14.30 -12.53 -0.07
CA GLY A 169 -14.50 -11.90 -1.36
C GLY A 169 -15.90 -11.29 -1.40
N HIS A 170 -15.95 -10.00 -1.72
CA HIS A 170 -17.21 -9.28 -1.71
C HIS A 170 -17.89 -9.06 -3.07
N VAL A 171 -17.75 -9.99 -4.00
CA VAL A 171 -18.42 -9.83 -5.28
C VAL A 171 -19.94 -9.85 -5.12
N TYR A 172 -20.64 -9.02 -5.87
CA TYR A 172 -22.10 -9.02 -5.87
C TYR A 172 -22.59 -9.55 -7.23
N PHE A 173 -23.44 -10.53 -7.24
CA PHE A 173 -23.96 -11.04 -8.50
C PHE A 173 -25.26 -10.38 -8.87
N ASN A 174 -25.53 -10.31 -10.17
CA ASN A 174 -26.78 -9.79 -10.70
C ASN A 174 -26.90 -10.31 -12.12
N LEU A 175 -27.55 -11.46 -12.23
CA LEU A 175 -27.71 -12.09 -13.52
C LEU A 175 -28.59 -11.32 -14.46
N ASN A 176 -29.25 -10.31 -13.96
CA ASN A 176 -30.06 -9.50 -14.84
C ASN A 176 -29.14 -8.69 -15.73
N GLY A 177 -27.88 -8.58 -15.32
CA GLY A 177 -26.91 -7.81 -16.07
C GLY A 177 -27.18 -6.30 -15.99
N ASP A 178 -28.06 -5.90 -15.10
CA ASP A 178 -28.40 -4.49 -14.97
C ASP A 178 -28.78 -4.23 -13.53
N ALA A 179 -28.16 -3.23 -12.90
CA ALA A 179 -28.37 -2.87 -11.48
C ALA A 179 -29.73 -2.30 -11.12
N SER A 180 -30.43 -1.77 -12.12
CA SER A 180 -31.74 -1.18 -11.93
C SER A 180 -32.78 -2.28 -11.77
N GLU A 181 -32.32 -3.53 -11.89
CA GLU A 181 -33.16 -4.70 -11.77
C GLU A 181 -32.93 -5.63 -10.60
N SER A 182 -33.95 -5.73 -9.76
CA SER A 182 -33.94 -6.57 -8.60
C SER A 182 -33.60 -8.05 -8.87
N VAL A 183 -32.89 -8.67 -7.93
CA VAL A 183 -32.53 -10.07 -8.09
C VAL A 183 -33.66 -10.97 -7.56
N GLU A 184 -34.75 -10.35 -7.21
CA GLU A 184 -35.91 -11.09 -6.70
C GLU A 184 -36.37 -12.21 -7.66
N ASN A 185 -35.98 -12.05 -8.92
CA ASN A 185 -36.32 -13.05 -9.92
C ASN A 185 -35.35 -14.20 -9.95
N HIS A 186 -34.21 -14.12 -9.24
CA HIS A 186 -33.33 -15.27 -9.30
C HIS A 186 -33.79 -16.30 -8.31
N GLY A 187 -33.39 -17.52 -8.62
CA GLY A 187 -33.73 -18.61 -7.75
C GLY A 187 -32.49 -18.97 -6.97
N LEU A 188 -32.63 -19.28 -5.70
CA LEU A 188 -31.45 -19.63 -4.97
C LEU A 188 -31.56 -20.95 -4.27
N ARG A 189 -30.48 -21.69 -4.25
CA ARG A 189 -30.42 -22.93 -3.52
C ARG A 189 -29.24 -22.84 -2.58
N LEU A 190 -29.48 -23.08 -1.31
CA LEU A 190 -28.43 -22.98 -0.33
C LEU A 190 -28.48 -24.15 0.65
N ALA A 191 -27.38 -24.93 0.72
CA ALA A 191 -27.24 -26.11 1.57
C ALA A 191 -26.85 -25.84 3.06
N ALA A 192 -27.76 -25.09 3.69
CA ALA A 192 -27.65 -24.68 5.06
C ALA A 192 -28.98 -24.76 5.77
N SER A 193 -28.95 -25.35 6.93
CA SER A 193 -30.17 -25.48 7.71
C SER A 193 -30.26 -24.50 8.86
N ARG A 194 -29.18 -23.74 9.14
CA ARG A 194 -29.20 -22.75 10.24
C ARG A 194 -28.65 -21.39 9.81
N PHE A 195 -29.00 -20.41 10.59
CA PHE A 195 -28.50 -19.08 10.33
C PHE A 195 -28.27 -18.39 11.65
N VAL A 196 -27.56 -17.25 11.58
CA VAL A 196 -27.17 -16.40 12.69
C VAL A 196 -27.92 -15.08 12.65
N PRO A 197 -28.84 -14.91 13.60
CA PRO A 197 -29.65 -13.70 13.65
C PRO A 197 -28.90 -12.53 14.23
N LEU A 198 -29.35 -11.35 13.84
CA LEU A 198 -28.76 -10.11 14.27
C LEU A 198 -29.49 -9.51 15.44
N LYS A 199 -28.75 -8.86 16.34
CA LYS A 199 -29.33 -8.26 17.52
C LYS A 199 -30.31 -7.14 17.17
N ASP A 200 -29.92 -6.25 16.29
CA ASP A 200 -30.78 -5.15 15.92
C ASP A 200 -30.15 -4.45 14.75
N GLN A 201 -30.60 -3.21 14.54
CA GLN A 201 -30.09 -2.39 13.44
C GLN A 201 -28.58 -2.15 13.44
N THR A 202 -27.86 -2.49 14.51
CA THR A 202 -26.42 -2.29 14.50
C THR A 202 -25.79 -3.47 13.78
N GLU A 203 -26.63 -4.45 13.55
CA GLU A 203 -26.17 -5.60 12.82
C GLU A 203 -25.18 -6.49 13.52
N ILE A 204 -25.02 -6.33 14.84
CA ILE A 204 -24.12 -7.24 15.54
C ILE A 204 -24.90 -8.54 15.76
N VAL A 205 -24.21 -9.65 16.02
CA VAL A 205 -24.98 -10.86 16.23
C VAL A 205 -25.75 -10.81 17.51
N ARG A 206 -26.91 -11.42 17.43
CA ARG A 206 -27.81 -11.50 18.52
C ARG A 206 -27.33 -12.36 19.67
N GLY A 207 -26.63 -13.44 19.37
CA GLY A 207 -26.10 -14.30 20.41
C GLY A 207 -26.43 -15.77 20.18
N ASP A 208 -27.50 -16.01 19.41
CA ASP A 208 -27.93 -17.40 19.17
C ASP A 208 -27.87 -17.89 17.74
N ILE A 209 -28.02 -19.20 17.61
CA ILE A 209 -28.03 -19.91 16.35
C ILE A 209 -29.41 -20.48 16.17
N VAL A 210 -30.01 -20.16 15.03
CA VAL A 210 -31.36 -20.58 14.71
C VAL A 210 -31.58 -21.49 13.52
N ASP A 211 -32.44 -22.46 13.77
CA ASP A 211 -32.85 -23.44 12.79
C ASP A 211 -33.84 -22.78 11.84
N ILE A 212 -33.58 -22.88 10.53
CA ILE A 212 -34.43 -22.24 9.54
C ILE A 212 -35.23 -23.20 8.71
N LYS A 213 -35.02 -24.47 8.99
CA LYS A 213 -35.76 -25.47 8.25
C LYS A 213 -37.22 -25.07 8.22
N ASN A 214 -37.78 -25.15 7.02
CA ASN A 214 -39.17 -24.86 6.78
C ASN A 214 -39.66 -23.47 7.05
N THR A 215 -38.78 -22.50 6.87
CA THR A 215 -39.15 -21.10 7.07
C THR A 215 -38.91 -20.35 5.76
N ASP A 216 -39.18 -19.04 5.71
CA ASP A 216 -38.94 -18.33 4.45
C ASP A 216 -37.47 -18.32 4.03
N LEU A 217 -36.59 -18.71 4.94
CA LEU A 217 -35.20 -18.71 4.63
C LEU A 217 -34.63 -20.07 4.38
N ASP A 218 -35.47 -21.04 4.14
CA ASP A 218 -34.94 -22.37 3.88
C ASP A 218 -34.80 -22.49 2.36
N PHE A 219 -33.57 -22.58 1.84
CA PHE A 219 -33.33 -22.67 0.42
C PHE A 219 -32.67 -23.96 0.12
N ARG A 220 -32.92 -24.90 1.01
CA ARG A 220 -32.33 -26.20 0.82
C ARG A 220 -32.82 -26.77 -0.50
N GLN A 221 -34.01 -26.32 -0.86
CA GLN A 221 -34.67 -26.68 -2.09
C GLN A 221 -34.80 -25.39 -2.84
N GLU A 222 -34.33 -25.39 -4.07
CA GLU A 222 -34.36 -24.19 -4.89
C GLU A 222 -35.63 -23.38 -4.79
N LYS A 223 -35.48 -22.06 -4.65
CA LYS A 223 -36.60 -21.16 -4.56
C LYS A 223 -36.29 -19.73 -5.02
N GLN A 224 -37.33 -18.99 -5.41
CA GLN A 224 -37.15 -17.64 -5.83
C GLN A 224 -36.94 -16.71 -4.65
N LEU A 225 -35.99 -15.80 -4.81
CA LEU A 225 -35.67 -14.87 -3.75
C LEU A 225 -36.85 -14.04 -3.32
N SER A 226 -37.78 -13.87 -4.24
CA SER A 226 -38.94 -13.05 -3.86
C SER A 226 -39.58 -13.60 -2.62
N ASN A 227 -39.47 -14.90 -2.43
CA ASN A 227 -40.08 -15.45 -1.22
C ASN A 227 -39.52 -14.81 0.02
N ALA A 228 -38.20 -14.91 0.11
CA ALA A 228 -37.52 -14.39 1.24
C ALA A 228 -37.83 -12.93 1.31
N PHE A 229 -37.75 -12.27 0.16
CA PHE A 229 -38.03 -10.85 0.17
C PHE A 229 -39.43 -10.51 0.61
N ASN A 230 -40.39 -11.37 0.33
CA ASN A 230 -41.73 -11.00 0.74
C ASN A 230 -42.09 -11.43 2.14
N SER A 231 -41.14 -12.12 2.78
CA SER A 231 -41.31 -12.65 4.12
C SER A 231 -41.57 -11.61 5.20
N ASN A 232 -42.18 -12.11 6.25
CA ASN A 232 -42.53 -11.29 7.40
C ASN A 232 -41.75 -11.69 8.66
N MET A 233 -40.78 -12.59 8.48
CA MET A 233 -39.95 -13.01 9.57
C MET A 233 -39.32 -11.73 10.14
N GLU A 234 -39.25 -11.60 11.47
CA GLU A 234 -38.68 -10.36 11.98
C GLU A 234 -37.26 -10.11 11.45
N GLN A 235 -36.45 -11.17 11.28
CA GLN A 235 -35.08 -10.99 10.79
C GLN A 235 -35.01 -10.34 9.42
N VAL A 236 -35.96 -10.71 8.53
CA VAL A 236 -35.98 -10.14 7.17
C VAL A 236 -36.46 -8.69 7.28
N GLN A 237 -37.44 -8.54 8.12
CA GLN A 237 -38.00 -7.22 8.32
C GLN A 237 -36.99 -6.25 8.93
N LEU A 238 -36.09 -6.77 9.73
CA LEU A 238 -35.10 -5.94 10.38
C LEU A 238 -34.11 -5.22 9.46
N VAL A 239 -33.68 -5.95 8.45
CA VAL A 239 -32.70 -5.45 7.49
C VAL A 239 -33.25 -5.14 6.13
N LYS A 240 -34.52 -5.54 5.91
CA LYS A 240 -35.23 -5.33 4.65
C LYS A 240 -34.63 -6.18 3.54
N GLY A 241 -34.41 -7.45 3.83
CA GLY A 241 -33.82 -8.31 2.84
C GLY A 241 -33.04 -9.34 3.61
N ILE A 242 -31.86 -9.70 3.10
CA ILE A 242 -31.03 -10.67 3.78
C ILE A 242 -29.69 -10.00 4.01
N ASP A 243 -29.12 -10.25 5.20
CA ASP A 243 -27.83 -9.70 5.61
C ASP A 243 -27.40 -10.55 6.74
N HIS A 244 -27.22 -11.86 6.46
CA HIS A 244 -26.94 -12.78 7.53
C HIS A 244 -26.02 -13.90 7.15
N PRO A 245 -25.42 -14.51 8.17
CA PRO A 245 -24.54 -15.65 7.96
C PRO A 245 -25.39 -16.92 7.95
N PHE A 246 -25.04 -17.86 7.07
CA PHE A 246 -25.75 -19.11 6.98
C PHE A 246 -24.78 -20.20 7.23
N LEU A 247 -25.13 -21.13 8.08
CA LEU A 247 -24.21 -22.19 8.39
C LEU A 247 -24.36 -23.38 7.45
N LEU A 248 -23.33 -23.69 6.71
CA LEU A 248 -23.42 -24.79 5.80
C LEU A 248 -23.62 -26.13 6.50
N ASP A 249 -24.49 -26.96 5.92
CA ASP A 249 -24.73 -28.27 6.50
C ASP A 249 -23.55 -29.23 6.41
N GLN A 250 -22.88 -29.29 5.26
CA GLN A 250 -21.77 -30.21 5.13
C GLN A 250 -20.55 -29.45 4.61
N LEU A 251 -19.40 -29.65 5.25
CA LEU A 251 -18.19 -28.98 4.86
C LEU A 251 -17.35 -29.76 3.89
N GLY A 252 -16.64 -29.03 3.04
CA GLY A 252 -15.78 -29.62 2.03
C GLY A 252 -15.90 -28.90 0.71
N LEU A 253 -14.74 -28.73 0.04
CA LEU A 253 -14.66 -28.05 -1.23
C LEU A 253 -15.38 -28.77 -2.37
N ASP A 254 -15.66 -30.06 -2.21
CA ASP A 254 -16.29 -30.81 -3.29
C ASP A 254 -17.81 -30.67 -3.46
N LYS A 255 -18.48 -30.15 -2.47
CA LYS A 255 -19.92 -30.03 -2.53
C LYS A 255 -20.38 -28.68 -3.06
N GLU A 256 -21.44 -28.67 -3.88
CA GLU A 256 -21.96 -27.40 -4.37
C GLU A 256 -22.77 -26.89 -3.18
N GLN A 257 -22.32 -25.78 -2.62
CA GLN A 257 -22.93 -25.25 -1.41
C GLN A 257 -24.07 -24.32 -1.68
N ALA A 258 -24.04 -23.71 -2.85
CA ALA A 258 -25.12 -22.81 -3.16
C ALA A 258 -25.16 -22.70 -4.64
N ARG A 259 -26.30 -22.26 -5.15
CA ARG A 259 -26.52 -22.07 -6.56
C ARG A 259 -27.52 -20.98 -6.81
N LEU A 260 -27.10 -20.06 -7.65
CA LEU A 260 -27.87 -18.90 -8.06
C LEU A 260 -28.18 -19.10 -9.53
N THR A 261 -29.48 -19.00 -9.83
CA THR A 261 -29.97 -19.24 -11.15
C THR A 261 -30.95 -18.24 -11.69
N LEU A 262 -30.77 -17.96 -12.98
CA LEU A 262 -31.65 -17.07 -13.72
C LEU A 262 -31.72 -17.54 -15.14
N ASP A 263 -32.88 -18.10 -15.48
CA ASP A 263 -33.08 -18.62 -16.79
C ASP A 263 -32.10 -19.73 -17.08
N ASP A 264 -31.41 -19.62 -18.19
CA ASP A 264 -30.43 -20.58 -18.66
C ASP A 264 -29.08 -20.51 -17.98
N THR A 265 -28.92 -19.48 -17.15
CA THR A 265 -27.66 -19.19 -16.51
C THR A 265 -27.60 -19.41 -15.00
N SER A 266 -26.58 -20.13 -14.60
CA SER A 266 -26.44 -20.43 -13.18
C SER A 266 -24.99 -20.40 -12.68
N ILE A 267 -24.86 -20.03 -11.40
CA ILE A 267 -23.59 -19.92 -10.71
C ILE A 267 -23.64 -20.80 -9.49
N SER A 268 -22.67 -21.68 -9.45
CA SER A 268 -22.48 -22.59 -8.35
C SER A 268 -21.33 -22.09 -7.47
N VAL A 269 -21.46 -22.27 -6.16
CA VAL A 269 -20.49 -21.85 -5.17
C VAL A 269 -19.89 -23.02 -4.41
N PHE A 270 -18.56 -23.09 -4.38
CA PHE A 270 -17.86 -24.13 -3.63
C PHE A 270 -16.90 -23.43 -2.68
N THR A 271 -16.70 -23.99 -1.49
CA THR A 271 -15.75 -23.39 -0.54
C THR A 271 -15.30 -24.35 0.54
N ASP A 272 -14.15 -24.05 1.16
CA ASP A 272 -13.77 -24.91 2.23
C ASP A 272 -14.18 -24.27 3.54
N GLN A 273 -14.81 -23.13 3.42
CA GLN A 273 -15.27 -22.39 4.56
C GLN A 273 -16.57 -22.96 5.09
N PRO A 274 -16.80 -22.70 6.38
CA PRO A 274 -17.99 -23.19 7.09
C PRO A 274 -19.22 -22.34 6.93
N SER A 275 -19.06 -21.11 6.48
CA SER A 275 -20.28 -20.35 6.36
C SER A 275 -20.36 -19.50 5.12
N ILE A 276 -21.57 -19.03 4.82
CA ILE A 276 -21.76 -18.14 3.69
C ILE A 276 -22.63 -17.00 4.19
N VAL A 277 -22.06 -15.81 4.09
CA VAL A 277 -22.74 -14.61 4.48
C VAL A 277 -23.38 -13.96 3.25
N ILE A 278 -24.70 -13.86 3.32
CA ILE A 278 -25.47 -13.33 2.21
C ILE A 278 -26.07 -11.99 2.51
N PHE A 279 -25.76 -11.08 1.59
CA PHE A 279 -26.25 -9.70 1.63
C PHE A 279 -26.91 -9.40 0.29
N THR A 280 -28.14 -8.85 0.36
CA THR A 280 -28.94 -8.54 -0.83
C THR A 280 -29.10 -7.06 -1.17
N ALA A 281 -28.03 -6.32 -0.97
CA ALA A 281 -27.98 -4.93 -1.31
C ALA A 281 -29.24 -4.22 -0.93
N ASN A 282 -29.50 -4.22 0.38
CA ASN A 282 -30.65 -3.57 0.96
C ASN A 282 -30.47 -2.06 1.11
N PHE A 283 -30.12 -1.40 -0.01
CA PHE A 283 -29.81 0.04 -0.06
C PHE A 283 -30.97 1.02 -0.18
N GLY A 284 -32.17 0.47 -0.34
CA GLY A 284 -33.31 1.34 -0.47
C GLY A 284 -33.15 2.28 -1.66
N ASP A 285 -33.23 3.58 -1.39
CA ASP A 285 -33.13 4.60 -2.40
C ASP A 285 -31.74 5.08 -2.69
N LEU A 286 -30.73 4.53 -2.06
CA LEU A 286 -29.39 5.02 -2.34
C LEU A 286 -29.21 5.37 -3.83
N GLY A 287 -29.41 4.40 -4.71
CA GLY A 287 -29.28 4.66 -6.12
C GLY A 287 -27.85 4.67 -6.66
N THR A 288 -26.93 3.96 -6.03
CA THR A 288 -25.58 3.98 -6.58
C THR A 288 -25.62 3.66 -8.07
N LEU A 289 -24.86 4.43 -8.85
CA LEU A 289 -24.83 4.24 -10.29
C LEU A 289 -23.81 3.25 -10.77
N TYR A 290 -24.32 2.23 -11.45
CA TYR A 290 -23.47 1.20 -12.02
C TYR A 290 -23.65 1.20 -13.52
N HIS A 291 -22.61 1.69 -14.17
CA HIS A 291 -22.62 1.76 -15.61
C HIS A 291 -23.78 2.65 -16.08
N GLU A 292 -23.95 3.76 -15.36
CA GLU A 292 -25.00 4.68 -15.70
C GLU A 292 -26.38 4.27 -15.20
N LYS A 293 -26.54 3.03 -14.74
CA LYS A 293 -27.82 2.56 -14.19
C LYS A 293 -27.93 2.76 -12.66
N LYS A 294 -29.02 3.40 -12.22
CA LYS A 294 -29.24 3.62 -10.79
C LYS A 294 -29.57 2.29 -10.09
N GLN A 295 -28.80 1.94 -9.05
CA GLN A 295 -29.07 0.67 -8.42
C GLN A 295 -30.35 0.63 -7.61
N VAL A 296 -31.01 -0.51 -7.69
CA VAL A 296 -32.23 -0.64 -6.93
C VAL A 296 -32.04 -1.46 -5.65
N HIS A 297 -32.89 -1.19 -4.66
CA HIS A 297 -32.87 -1.98 -3.44
C HIS A 297 -32.93 -3.45 -3.89
N HIS A 298 -32.08 -4.31 -3.38
CA HIS A 298 -32.11 -5.69 -3.85
C HIS A 298 -31.49 -5.96 -5.22
N GLY A 299 -30.79 -4.94 -5.70
CA GLY A 299 -30.10 -4.96 -6.97
C GLY A 299 -28.80 -5.75 -6.97
N GLY A 300 -28.61 -6.71 -6.08
CA GLY A 300 -27.38 -7.50 -6.10
C GLY A 300 -27.39 -8.46 -4.95
N ILE A 301 -26.57 -9.51 -5.00
CA ILE A 301 -26.49 -10.49 -3.95
C ILE A 301 -25.07 -10.99 -3.77
N THR A 302 -24.63 -11.13 -2.51
CA THR A 302 -23.29 -11.59 -2.26
C THR A 302 -23.32 -13.00 -1.75
N PHE A 303 -22.17 -13.67 -1.77
CA PHE A 303 -21.96 -14.99 -1.24
C PHE A 303 -20.61 -14.92 -0.57
N GLU A 304 -20.52 -14.37 0.63
CA GLU A 304 -19.23 -14.25 1.29
C GLU A 304 -18.87 -15.49 2.05
N CYS A 305 -17.93 -16.22 1.52
CA CYS A 305 -17.54 -17.45 2.19
C CYS A 305 -16.47 -17.16 3.24
N GLN A 306 -16.70 -17.57 4.48
CA GLN A 306 -15.72 -17.33 5.53
C GLN A 306 -16.20 -18.04 6.77
N VAL A 307 -15.52 -17.81 7.90
CA VAL A 307 -15.97 -18.36 9.17
C VAL A 307 -17.03 -17.33 9.54
N SER A 308 -18.18 -17.69 10.11
CA SER A 308 -19.21 -16.69 10.42
C SER A 308 -18.76 -15.58 11.32
N PRO A 309 -19.30 -14.39 11.07
CA PRO A 309 -18.94 -13.36 12.02
C PRO A 309 -19.68 -13.68 13.31
N GLY A 310 -19.23 -13.10 14.40
CA GLY A 310 -19.87 -13.24 15.67
C GLY A 310 -19.24 -14.28 16.56
N SER A 311 -18.12 -14.87 16.14
CA SER A 311 -17.49 -15.90 16.94
C SER A 311 -17.05 -15.36 18.30
N GLU A 312 -16.84 -14.05 18.35
CA GLU A 312 -16.44 -13.42 19.58
C GLU A 312 -17.50 -13.66 20.65
N GLN A 313 -18.76 -13.72 20.24
CA GLN A 313 -19.81 -13.95 21.21
C GLN A 313 -20.34 -15.37 21.21
N ILE A 314 -20.18 -16.08 20.10
CA ILE A 314 -20.65 -17.43 19.87
C ILE A 314 -19.53 -18.30 19.33
N PRO A 315 -18.74 -18.79 20.27
CA PRO A 315 -17.58 -19.64 20.06
C PRO A 315 -17.86 -20.85 19.21
N GLU A 316 -19.08 -21.36 19.26
CA GLU A 316 -19.37 -22.53 18.46
C GLU A 316 -19.23 -22.21 16.99
N LEU A 317 -19.31 -20.92 16.67
CA LEU A 317 -19.17 -20.51 15.28
C LEU A 317 -17.82 -20.87 14.73
N GLY A 318 -16.84 -20.93 15.61
CA GLY A 318 -15.52 -21.24 15.14
C GLY A 318 -14.51 -20.31 15.80
N ASP A 319 -13.29 -20.39 15.31
CA ASP A 319 -12.21 -19.60 15.84
C ASP A 319 -11.39 -18.94 14.76
N ILE A 320 -11.31 -17.61 14.78
CA ILE A 320 -10.53 -17.02 13.71
C ILE A 320 -9.06 -16.74 14.01
N SER A 321 -8.57 -17.23 15.11
CA SER A 321 -7.19 -16.91 15.39
C SER A 321 -6.20 -17.53 14.43
N LEU A 322 -5.11 -16.81 14.28
CA LEU A 322 -4.03 -17.23 13.44
C LEU A 322 -2.79 -17.15 14.32
N LYS A 323 -2.19 -18.31 14.58
CA LYS A 323 -0.99 -18.39 15.40
C LYS A 323 0.26 -18.05 14.60
N ALA A 324 1.21 -17.43 15.30
CA ALA A 324 2.45 -17.05 14.65
C ALA A 324 3.11 -18.22 13.98
N GLY A 325 3.47 -17.99 12.72
CA GLY A 325 4.13 -19.04 11.98
C GLY A 325 3.19 -20.02 11.30
N GLU A 326 1.91 -19.96 11.60
CA GLU A 326 1.03 -20.90 10.93
C GLU A 326 0.61 -20.41 9.57
N LYS A 327 0.51 -21.30 8.62
CA LYS A 327 0.09 -20.86 7.31
C LYS A 327 -1.44 -20.93 7.15
N TYR A 328 -2.08 -19.80 6.90
CA TYR A 328 -3.52 -19.83 6.71
C TYR A 328 -3.80 -20.12 5.25
N GLN A 329 -4.86 -20.89 4.95
CA GLN A 329 -5.24 -21.16 3.54
C GLN A 329 -6.75 -21.21 3.43
N ALA A 330 -7.26 -20.69 2.36
CA ALA A 330 -8.67 -20.74 2.07
C ALA A 330 -8.88 -20.78 0.57
N THR A 331 -9.97 -21.44 0.17
CA THR A 331 -10.33 -21.56 -1.23
C THR A 331 -11.81 -21.43 -1.46
N THR A 332 -12.18 -20.57 -2.40
CA THR A 332 -13.58 -20.35 -2.75
C THR A 332 -13.69 -20.40 -4.27
N ILE A 333 -14.70 -21.11 -4.80
CA ILE A 333 -14.93 -21.25 -6.23
C ILE A 333 -16.30 -20.86 -6.74
N TYR A 334 -16.28 -20.02 -7.79
CA TYR A 334 -17.49 -19.60 -8.44
C TYR A 334 -17.44 -20.22 -9.85
N SER A 335 -18.39 -21.11 -10.11
CA SER A 335 -18.46 -21.81 -11.38
C SER A 335 -19.68 -21.40 -12.19
N LEU A 336 -19.42 -21.01 -13.43
CA LEU A 336 -20.42 -20.55 -14.40
C LEU A 336 -20.91 -21.68 -15.30
N HIS A 337 -22.21 -21.77 -15.42
CA HIS A 337 -22.86 -22.79 -16.23
C HIS A 337 -24.01 -22.23 -17.04
N THR A 338 -24.07 -22.72 -18.28
CA THR A 338 -25.13 -22.34 -19.21
C THR A 338 -25.93 -23.53 -19.70
N LYS A 339 -27.24 -23.42 -19.57
CA LYS A 339 -28.10 -24.50 -19.99
C LYS A 339 -28.10 -24.61 -21.50
N LEU A 340 -28.01 -25.83 -22.03
CA LEU A 340 -27.99 -26.07 -23.46
C LEU A 340 -29.39 -26.24 -24.05
N SER B 2 6.47 16.35 -22.54
CA SER B 2 5.73 15.14 -22.84
C SER B 2 5.69 14.23 -21.62
N ILE B 3 4.58 13.52 -21.46
CA ILE B 3 4.36 12.59 -20.35
C ILE B 3 4.12 11.23 -20.93
N LYS B 4 4.72 10.22 -20.36
CA LYS B 4 4.52 8.90 -20.90
C LYS B 4 4.39 7.96 -19.72
N ILE B 5 3.58 6.90 -19.85
CA ILE B 5 3.37 5.93 -18.78
C ILE B 5 3.42 4.48 -19.32
N ARG B 6 3.90 3.56 -18.51
CA ARG B 6 3.96 2.15 -18.86
C ARG B 6 4.10 1.31 -17.59
N ASP B 7 3.76 0.03 -17.66
CA ASP B 7 3.88 -0.84 -16.50
C ASP B 7 5.39 -0.95 -16.21
N PHE B 8 5.76 -0.99 -14.92
CA PHE B 8 7.18 -1.06 -14.51
C PHE B 8 7.56 -2.33 -13.76
N GLY B 9 6.56 -3.20 -13.58
CA GLY B 9 6.80 -4.45 -12.89
C GLY B 9 5.94 -4.58 -11.64
N LEU B 10 5.52 -5.80 -11.37
CA LEU B 10 4.71 -6.16 -10.21
C LEU B 10 3.45 -5.36 -10.05
N GLY B 11 3.08 -4.65 -11.08
CA GLY B 11 1.86 -3.89 -10.91
C GLY B 11 2.16 -2.41 -10.77
N SER B 12 3.45 -2.06 -10.69
CA SER B 12 3.73 -0.62 -10.57
C SER B 12 3.76 0.02 -11.97
N ASP B 13 3.78 1.36 -11.99
CA ASP B 13 3.87 2.15 -13.21
C ASP B 13 5.18 2.92 -13.23
N LEU B 14 5.58 3.34 -14.43
CA LEU B 14 6.74 4.16 -14.63
C LEU B 14 6.20 5.42 -15.28
N ILE B 15 6.43 6.57 -14.65
CA ILE B 15 5.97 7.86 -15.19
C ILE B 15 7.20 8.62 -15.69
N SER B 16 7.30 8.82 -17.00
CA SER B 16 8.42 9.48 -17.62
C SER B 16 8.07 10.83 -18.20
N LEU B 17 8.82 11.84 -17.77
CA LEU B 17 8.62 13.20 -18.21
C LEU B 17 9.80 13.73 -18.99
N THR B 18 9.54 14.57 -19.98
CA THR B 18 10.63 15.19 -20.72
C THR B 18 10.30 16.66 -20.72
N ASN B 19 11.22 17.54 -20.37
CA ASN B 19 10.85 18.94 -20.39
C ASN B 19 11.20 19.57 -21.75
N LYS B 20 10.89 20.84 -21.89
CA LYS B 20 11.18 21.53 -23.14
C LYS B 20 12.68 21.53 -23.45
N ALA B 21 13.54 21.42 -22.44
CA ALA B 21 14.98 21.38 -22.72
C ALA B 21 15.49 20.00 -23.11
N GLY B 22 14.61 18.98 -23.13
CA GLY B 22 15.02 17.64 -23.52
C GLY B 22 15.52 16.81 -22.34
N VAL B 23 15.41 17.36 -21.14
CA VAL B 23 15.84 16.65 -19.96
C VAL B 23 14.76 15.70 -19.54
N THR B 24 15.13 14.45 -19.27
CA THR B 24 14.09 13.50 -18.87
C THR B 24 14.27 13.05 -17.42
N ILE B 25 13.15 12.73 -16.82
CA ILE B 25 13.16 12.26 -15.46
C ILE B 25 12.05 11.24 -15.30
N SER B 26 12.30 10.21 -14.47
CA SER B 26 11.26 9.21 -14.31
C SER B 26 10.97 8.88 -12.84
N PHE B 27 9.70 8.53 -12.58
CA PHE B 27 9.26 8.16 -11.24
C PHE B 27 8.42 6.88 -11.26
N THR B 28 8.31 6.25 -10.07
CA THR B 28 7.49 5.06 -9.93
C THR B 28 6.60 5.20 -8.69
N ASN B 29 5.38 4.62 -8.79
CA ASN B 29 4.48 4.67 -7.65
C ASN B 29 4.90 3.66 -6.58
N LEU B 30 5.91 2.83 -6.86
CA LEU B 30 6.34 1.94 -5.82
C LEU B 30 7.27 2.74 -4.89
N GLY B 31 6.74 3.24 -3.76
CA GLY B 31 7.52 4.03 -2.87
C GLY B 31 7.60 5.51 -3.29
N ALA B 32 6.68 6.02 -4.16
CA ALA B 32 6.70 7.45 -4.61
C ALA B 32 8.16 7.84 -4.81
N ARG B 33 8.79 7.14 -5.76
CA ARG B 33 10.18 7.19 -6.02
C ARG B 33 10.68 7.58 -7.38
N ILE B 34 11.83 8.23 -7.34
CA ILE B 34 12.43 8.63 -8.60
C ILE B 34 13.28 7.45 -9.05
N VAL B 35 13.20 7.15 -10.36
CA VAL B 35 13.94 6.01 -10.91
C VAL B 35 15.11 6.48 -11.71
N ASP B 36 14.92 7.60 -12.38
CA ASP B 36 16.00 8.09 -13.20
C ASP B 36 15.86 9.55 -13.57
N TRP B 37 17.01 10.13 -13.90
CA TRP B 37 17.16 11.51 -14.30
C TRP B 37 18.33 11.52 -15.25
N GLN B 38 18.11 11.93 -16.50
CA GLN B 38 19.16 11.90 -17.48
C GLN B 38 19.34 13.18 -18.27
N LYS B 39 20.61 13.43 -18.55
CA LYS B 39 20.99 14.56 -19.36
C LYS B 39 21.80 14.03 -20.50
N ASP B 40 21.31 14.27 -21.70
CA ASP B 40 22.00 13.79 -22.87
C ASP B 40 22.40 12.32 -22.79
N GLY B 41 21.51 11.46 -22.37
CA GLY B 41 21.81 10.05 -22.29
C GLY B 41 22.62 9.59 -21.10
N LYS B 42 22.94 10.49 -20.18
CA LYS B 42 23.71 10.05 -19.05
C LYS B 42 22.90 10.10 -17.75
N HIS B 43 22.94 9.01 -16.98
CA HIS B 43 22.26 8.95 -15.69
C HIS B 43 22.91 9.89 -14.70
N LEU B 44 22.11 10.76 -14.10
CA LEU B 44 22.58 11.69 -13.09
C LEU B 44 22.50 11.04 -11.66
N ILE B 45 21.63 10.02 -11.55
CA ILE B 45 21.38 9.31 -10.31
C ILE B 45 21.43 7.80 -10.50
N LEU B 46 21.33 7.13 -9.35
CA LEU B 46 21.31 5.68 -9.32
C LEU B 46 19.87 5.20 -9.34
N GLY B 47 19.65 4.15 -10.08
CA GLY B 47 18.35 3.54 -10.18
C GLY B 47 18.45 2.19 -10.92
N PHE B 48 17.35 1.44 -10.91
CA PHE B 48 17.26 0.13 -11.54
C PHE B 48 16.36 0.15 -12.75
N ASP B 49 16.17 -1.00 -13.40
CA ASP B 49 15.34 -1.01 -14.60
C ASP B 49 13.93 -1.55 -14.46
N SER B 50 13.60 -2.06 -13.27
CA SER B 50 12.30 -2.59 -12.98
C SER B 50 12.08 -2.59 -11.49
N ALA B 51 10.80 -2.64 -11.14
CA ALA B 51 10.35 -2.67 -9.78
C ALA B 51 10.94 -3.84 -8.93
N LYS B 52 11.02 -5.03 -9.49
CA LYS B 52 11.54 -6.21 -8.81
C LYS B 52 12.95 -6.01 -8.30
N GLU B 53 13.75 -5.32 -9.09
CA GLU B 53 15.13 -5.04 -8.72
C GLU B 53 15.19 -4.25 -7.45
N TYR B 54 14.19 -3.38 -7.30
CA TYR B 54 14.22 -2.57 -6.10
C TYR B 54 13.88 -3.44 -4.91
N LEU B 55 12.91 -4.32 -5.11
CA LEU B 55 12.52 -5.17 -4.02
C LEU B 55 13.54 -6.25 -3.69
N GLU B 56 14.27 -6.65 -4.69
CA GLU B 56 15.24 -7.69 -4.46
C GLU B 56 16.64 -7.21 -4.14
N LYS B 57 17.05 -6.06 -4.70
CA LYS B 57 18.38 -5.56 -4.46
C LYS B 57 18.41 -4.58 -3.32
N ASP B 58 17.77 -3.43 -3.52
CA ASP B 58 17.78 -2.45 -2.48
C ASP B 58 16.61 -1.55 -2.69
N ALA B 59 15.77 -1.56 -1.70
CA ALA B 59 14.55 -0.78 -1.79
C ALA B 59 14.63 0.69 -1.44
N TYR B 60 15.80 1.19 -1.01
CA TYR B 60 15.90 2.59 -0.62
C TYR B 60 16.10 3.63 -1.69
N PRO B 61 16.93 3.32 -2.66
CA PRO B 61 17.25 4.31 -3.67
C PRO B 61 16.09 5.04 -4.29
N GLY B 62 16.17 6.35 -4.26
CA GLY B 62 15.21 7.28 -4.83
C GLY B 62 13.87 7.30 -4.16
N ALA B 63 13.71 6.51 -3.10
CA ALA B 63 12.42 6.40 -2.43
C ALA B 63 12.00 7.49 -1.50
N THR B 64 10.69 7.53 -1.29
CA THR B 64 10.18 8.42 -0.27
C THR B 64 10.31 7.57 1.02
N VAL B 65 10.99 8.05 2.05
CA VAL B 65 11.08 7.22 3.24
C VAL B 65 10.46 7.90 4.46
N GLY B 66 9.84 7.10 5.33
CA GLY B 66 9.23 7.59 6.55
C GLY B 66 8.37 6.51 7.18
N PRO B 67 7.41 6.90 8.03
CA PRO B 67 7.04 8.26 8.39
C PRO B 67 8.13 9.12 9.01
N THR B 68 9.13 8.48 9.58
CA THR B 68 10.24 9.19 10.20
C THR B 68 11.50 8.72 9.54
N ALA B 69 12.23 9.64 8.94
CA ALA B 69 13.45 9.16 8.30
C ALA B 69 14.61 9.08 9.28
N GLY B 70 15.40 8.01 9.18
CA GLY B 70 16.58 7.85 10.03
C GLY B 70 16.38 6.80 11.10
N ARG B 71 17.29 6.76 12.05
CA ARG B 71 17.22 5.82 13.16
C ARG B 71 16.73 6.45 14.46
N ILE B 72 15.81 5.74 15.14
CA ILE B 72 15.28 6.16 16.43
C ILE B 72 15.77 5.10 17.39
N LYS B 73 16.61 5.53 18.32
CA LYS B 73 17.24 4.66 19.31
C LYS B 73 16.19 3.83 20.04
N ASP B 74 16.31 2.49 20.05
CA ASP B 74 15.32 1.67 20.76
C ASP B 74 13.89 1.77 20.27
N GLY B 75 13.63 2.43 19.14
CA GLY B 75 12.29 2.59 18.60
C GLY B 75 11.40 3.41 19.51
N LEU B 76 12.01 4.08 20.49
CA LEU B 76 11.26 4.87 21.43
C LEU B 76 11.02 6.33 21.14
N VAL B 77 9.75 6.72 21.08
CA VAL B 77 9.40 8.13 20.88
C VAL B 77 8.41 8.59 21.95
N LYS B 78 8.43 9.87 22.31
CA LYS B 78 7.46 10.37 23.26
C LYS B 78 6.42 11.20 22.58
N ILE B 79 5.17 10.81 22.70
CA ILE B 79 4.09 11.56 22.05
C ILE B 79 3.03 12.10 23.01
N SER B 80 2.99 13.42 23.08
CA SER B 80 2.08 14.10 23.96
C SER B 80 2.04 13.46 25.32
N GLY B 81 3.25 13.42 25.89
CA GLY B 81 3.49 12.86 27.19
C GLY B 81 3.50 11.34 27.21
N LYS B 82 3.26 10.69 26.08
CA LYS B 82 3.24 9.23 26.11
C LYS B 82 4.35 8.56 25.33
N ASP B 83 4.91 7.52 25.92
CA ASP B 83 5.97 6.75 25.31
C ASP B 83 5.37 5.77 24.34
N TYR B 84 5.92 5.71 23.12
CA TYR B 84 5.43 4.76 22.14
C TYR B 84 6.59 4.00 21.60
N ILE B 85 6.46 2.69 21.45
CA ILE B 85 7.55 1.91 20.86
C ILE B 85 7.15 1.59 19.40
N LEU B 86 8.04 1.89 18.46
CA LEU B 86 7.77 1.66 17.07
C LEU B 86 8.42 0.39 16.61
N ASN B 87 8.04 -0.05 15.42
CA ASN B 87 8.60 -1.24 14.86
C ASN B 87 10.14 -1.18 14.88
N GLN B 88 10.80 -2.19 15.42
CA GLN B 88 12.27 -2.20 15.45
C GLN B 88 12.84 -3.09 14.37
N ASN B 89 13.38 -2.52 13.31
CA ASN B 89 13.89 -3.32 12.21
C ASN B 89 15.41 -3.36 12.11
N GLU B 90 16.13 -2.67 12.98
CA GLU B 90 17.58 -2.70 12.89
C GLU B 90 18.07 -2.91 14.30
N GLY B 91 18.01 -4.17 14.75
CA GLY B 91 18.33 -4.43 16.15
C GLY B 91 17.24 -3.69 16.95
N PRO B 92 17.52 -3.04 18.08
CA PRO B 92 16.47 -2.36 18.80
C PRO B 92 16.11 -1.05 18.17
N GLN B 93 16.68 -0.81 17.01
CA GLN B 93 16.43 0.45 16.37
C GLN B 93 15.32 0.40 15.32
N THR B 94 14.67 1.55 15.19
CA THR B 94 13.68 1.73 14.17
C THR B 94 14.39 2.53 13.07
N LEU B 95 14.61 1.89 11.91
CA LEU B 95 15.27 2.55 10.82
C LEU B 95 14.26 2.79 9.72
N HIS B 96 14.26 4.04 9.24
CA HIS B 96 13.39 4.49 8.17
C HIS B 96 11.94 3.99 8.26
N GLY B 97 11.27 4.26 9.38
CA GLY B 97 9.88 3.89 9.61
C GLY B 97 9.63 2.43 9.92
N GLY B 98 10.67 1.62 10.05
CA GLY B 98 10.36 0.23 10.36
C GLY B 98 10.33 -0.69 9.13
N GLU B 99 10.01 -1.94 9.38
CA GLU B 99 10.00 -2.88 8.30
C GLU B 99 8.82 -2.66 7.34
N GLU B 100 9.03 -3.07 6.10
CA GLU B 100 8.04 -3.03 5.05
C GLU B 100 7.31 -1.70 5.13
N SER B 101 8.07 -0.64 5.20
CA SER B 101 7.46 0.71 5.30
C SER B 101 7.05 1.27 3.96
N ILE B 102 6.72 2.56 3.99
CA ILE B 102 6.18 3.30 2.87
C ILE B 102 6.89 3.20 1.55
N HIS B 103 8.20 2.96 1.63
CA HIS B 103 8.99 2.87 0.43
C HIS B 103 8.70 1.54 -0.29
N THR B 104 8.07 0.60 0.41
CA THR B 104 7.75 -0.68 -0.22
C THR B 104 6.31 -0.80 -0.75
N LYS B 105 5.47 0.22 -0.55
CA LYS B 105 4.07 0.21 -0.94
C LYS B 105 3.80 0.82 -2.29
N LEU B 106 2.66 0.43 -2.90
CA LEU B 106 2.30 1.00 -4.19
C LEU B 106 1.43 2.18 -3.80
N TRP B 107 1.82 3.40 -4.16
CA TRP B 107 0.97 4.55 -3.82
C TRP B 107 0.05 4.84 -5.02
N THR B 108 -1.12 5.40 -4.79
CA THR B 108 -1.99 5.74 -5.91
C THR B 108 -1.41 7.07 -6.41
N TYR B 109 -1.74 7.53 -7.63
CA TYR B 109 -1.20 8.82 -8.11
C TYR B 109 -2.04 9.45 -9.21
N GLU B 110 -1.87 10.75 -9.40
CA GLU B 110 -2.56 11.48 -10.43
C GLU B 110 -1.58 12.49 -11.01
N VAL B 111 -1.62 12.70 -12.31
CA VAL B 111 -0.70 13.61 -12.95
C VAL B 111 -1.37 14.91 -13.34
N THR B 112 -0.69 16.01 -13.13
CA THR B 112 -1.25 17.28 -13.51
C THR B 112 -0.26 18.03 -14.38
N ASP B 113 -0.71 18.28 -15.60
CA ASP B 113 0.07 18.97 -16.59
C ASP B 113 -0.20 20.43 -16.58
N LEU B 114 0.82 21.13 -16.16
CA LEU B 114 0.72 22.55 -16.11
C LEU B 114 1.52 23.20 -17.20
N GLY B 115 1.88 22.44 -18.21
CA GLY B 115 2.62 23.08 -19.29
C GLY B 115 4.11 23.15 -19.07
N ALA B 116 4.55 24.23 -18.45
CA ALA B 116 5.98 24.41 -18.16
C ALA B 116 6.42 23.57 -16.96
N GLU B 117 5.45 22.98 -16.32
CA GLU B 117 5.66 22.17 -15.14
C GLU B 117 4.71 20.98 -15.14
N VAL B 118 5.18 19.81 -14.74
CA VAL B 118 4.30 18.65 -14.66
C VAL B 118 4.35 18.12 -13.23
N GLN B 119 3.19 17.92 -12.57
CA GLN B 119 3.21 17.41 -11.22
C GLN B 119 2.70 15.97 -11.10
N VAL B 120 3.42 15.17 -10.33
CA VAL B 120 3.00 13.78 -10.08
C VAL B 120 2.78 13.67 -8.54
N LYS B 121 1.51 13.67 -8.16
CA LYS B 121 1.11 13.60 -6.79
C LYS B 121 0.71 12.17 -6.41
N PHE B 122 1.50 11.63 -5.49
CA PHE B 122 1.30 10.29 -5.01
C PHE B 122 0.67 10.35 -3.65
N SER B 123 -0.29 9.42 -3.47
CA SER B 123 -0.99 9.37 -2.20
C SER B 123 -0.94 8.04 -1.46
N LEU B 124 -0.93 8.17 -0.15
CA LEU B 124 -0.93 6.97 0.68
C LEU B 124 -1.41 7.24 2.08
N VAL B 125 -2.11 6.25 2.61
CA VAL B 125 -2.60 6.34 3.96
C VAL B 125 -1.87 5.40 4.85
N SER B 126 -1.34 5.94 5.94
CA SER B 126 -0.68 5.09 6.90
C SER B 126 -1.78 4.89 7.95
N ASN B 127 -2.31 3.68 8.06
CA ASN B 127 -3.38 3.42 9.03
C ASN B 127 -2.91 3.62 10.46
N ASP B 128 -3.84 4.00 11.33
CA ASP B 128 -3.50 4.15 12.72
C ASP B 128 -2.84 2.86 13.27
N GLY B 129 -1.72 3.01 14.01
CA GLY B 129 -1.01 1.87 14.61
C GLY B 129 -0.02 1.14 13.69
N THR B 130 0.02 1.49 12.38
CA THR B 130 0.96 0.83 11.48
C THR B 130 2.41 0.95 11.97
N ASN B 131 3.10 -0.17 12.20
CA ASN B 131 4.48 -0.09 12.65
C ASN B 131 4.64 0.68 13.97
N GLY B 132 3.50 0.82 14.69
CA GLY B 132 3.46 1.50 15.98
C GLY B 132 3.08 2.97 15.93
N TYR B 133 3.02 3.57 14.73
CA TYR B 133 2.70 5.00 14.62
C TYR B 133 1.24 5.39 14.80
N PRO B 134 0.96 6.34 15.70
CA PRO B 134 -0.41 6.77 15.83
C PRO B 134 -0.85 7.39 14.51
N GLY B 135 -2.12 7.24 14.17
CA GLY B 135 -2.61 7.82 12.94
C GLY B 135 -4.11 7.78 13.02
N LYS B 136 -4.76 7.59 11.87
CA LYS B 136 -4.21 7.41 10.56
C LYS B 136 -3.60 8.67 9.97
N ILE B 137 -2.66 8.47 9.10
CA ILE B 137 -1.98 9.59 8.49
C ILE B 137 -2.21 9.62 6.97
N GLU B 138 -2.79 10.72 6.47
CA GLU B 138 -3.01 10.84 5.02
C GLU B 138 -1.84 11.59 4.43
N MET B 139 -1.00 10.89 3.67
CA MET B 139 0.16 11.52 3.10
C MET B 139 0.11 11.64 1.58
N SER B 140 0.82 12.64 1.10
CA SER B 140 0.96 12.86 -0.31
C SER B 140 2.33 13.50 -0.54
N VAL B 141 2.95 13.01 -1.60
CA VAL B 141 4.24 13.46 -2.07
C VAL B 141 4.07 13.88 -3.50
N THR B 142 4.34 15.15 -3.77
CA THR B 142 4.23 15.58 -5.15
C THR B 142 5.61 15.78 -5.76
N HIS B 143 5.96 15.00 -6.80
CA HIS B 143 7.23 15.19 -7.47
C HIS B 143 6.92 16.03 -8.68
N SER B 144 7.64 17.10 -8.92
CA SER B 144 7.35 17.90 -10.09
C SER B 144 8.66 18.23 -10.80
N PHE B 145 8.54 18.41 -12.10
CA PHE B 145 9.69 18.73 -12.93
C PHE B 145 9.25 19.83 -13.88
N ASP B 146 10.09 20.85 -14.07
CA ASP B 146 9.74 21.93 -14.94
C ASP B 146 10.78 22.24 -16.03
N ASP B 147 10.38 23.23 -16.80
CA ASP B 147 11.22 23.70 -17.87
C ASP B 147 12.53 24.33 -17.43
N ASP B 148 12.67 24.65 -16.16
CA ASP B 148 13.91 25.22 -15.68
C ASP B 148 14.84 24.17 -15.07
N ASN B 149 14.51 22.91 -15.32
CA ASN B 149 15.32 21.79 -14.82
C ASN B 149 15.29 21.69 -13.31
N LYS B 150 14.15 22.09 -12.74
CA LYS B 150 14.00 21.97 -11.30
C LYS B 150 13.15 20.76 -10.97
N TRP B 151 13.67 19.88 -10.09
CA TRP B 151 12.92 18.71 -9.63
C TRP B 151 12.55 19.00 -8.19
N LYS B 152 11.26 19.20 -7.99
CA LYS B 152 10.77 19.51 -6.70
C LYS B 152 9.93 18.44 -6.06
N ILE B 153 10.15 18.28 -4.73
CA ILE B 153 9.42 17.33 -3.88
C ILE B 153 8.68 18.10 -2.82
N HIS B 154 7.37 17.99 -2.81
CA HIS B 154 6.53 18.68 -1.85
C HIS B 154 5.77 17.63 -1.05
N TYR B 155 5.95 17.62 0.26
CA TYR B 155 5.28 16.65 1.12
C TYR B 155 4.15 17.32 1.85
N GLU B 156 3.08 16.58 2.04
CA GLU B 156 1.94 17.06 2.80
C GLU B 156 1.40 15.92 3.64
N ALA B 157 0.98 16.21 4.86
CA ALA B 157 0.41 15.18 5.71
C ALA B 157 -0.51 15.78 6.78
N ILE B 158 -1.55 15.00 7.12
CA ILE B 158 -2.54 15.26 8.14
C ILE B 158 -2.89 13.96 8.88
N SER B 159 -2.80 14.03 10.22
CA SER B 159 -3.05 12.94 11.16
C SER B 159 -4.27 13.23 12.01
N ASP B 160 -4.93 12.13 12.27
CA ASP B 160 -6.11 12.05 13.07
C ASP B 160 -5.76 12.08 14.50
N LYS B 161 -4.50 11.74 14.79
CA LYS B 161 -3.95 11.65 16.14
C LYS B 161 -2.58 12.25 16.22
N ASP B 162 -2.21 12.79 17.39
CA ASP B 162 -0.89 13.35 17.61
C ASP B 162 0.09 12.24 17.26
N THR B 163 1.11 12.51 16.46
CA THR B 163 2.05 11.43 16.08
C THR B 163 3.41 12.06 15.80
N VAL B 164 4.29 11.37 15.08
CA VAL B 164 5.58 11.93 14.68
C VAL B 164 5.69 11.89 13.15
N PHE B 165 6.32 12.87 12.51
CA PHE B 165 6.41 12.83 11.06
C PHE B 165 7.63 13.61 10.52
N ASN B 166 8.51 12.93 9.78
CA ASN B 166 9.69 13.60 9.30
C ASN B 166 10.34 12.70 8.23
N PRO B 167 9.69 12.68 7.09
CA PRO B 167 10.13 11.87 5.97
C PRO B 167 11.21 12.54 5.15
N THR B 168 11.78 11.76 4.22
CA THR B 168 12.75 12.35 3.35
C THR B 168 12.78 11.58 2.01
N GLY B 169 13.61 12.10 1.06
CA GLY B 169 13.81 11.52 -0.26
C GLY B 169 15.23 11.00 -0.26
N HIS B 170 15.30 9.72 -0.61
CA HIS B 170 16.52 8.95 -0.61
C HIS B 170 17.23 8.79 -1.95
N VAL B 171 17.17 9.80 -2.78
CA VAL B 171 17.90 9.68 -4.02
C VAL B 171 19.41 9.67 -3.75
N TYR B 172 20.14 9.01 -4.65
CA TYR B 172 21.58 8.94 -4.67
C TYR B 172 22.06 9.51 -5.97
N PHE B 173 22.99 10.44 -5.88
CA PHE B 173 23.51 10.98 -7.10
C PHE B 173 24.81 10.29 -7.40
N ASN B 174 25.13 10.33 -8.70
CA ASN B 174 26.39 9.82 -9.25
C ASN B 174 26.55 10.38 -10.65
N LEU B 175 27.23 11.53 -10.67
CA LEU B 175 27.46 12.28 -11.90
C LEU B 175 28.35 11.57 -12.90
N ASN B 176 28.97 10.47 -12.47
CA ASN B 176 29.79 9.69 -13.37
C ASN B 176 28.85 8.94 -14.32
N GLY B 177 27.58 8.75 -13.90
CA GLY B 177 26.56 8.03 -14.69
C GLY B 177 26.85 6.53 -14.72
N ASP B 178 27.71 6.07 -13.83
CA ASP B 178 28.12 4.66 -13.73
C ASP B 178 28.44 4.34 -12.26
N ALA B 179 27.69 3.39 -11.69
CA ALA B 179 27.81 3.00 -10.28
C ALA B 179 29.17 2.49 -9.92
N SER B 180 29.86 2.00 -10.94
CA SER B 180 31.16 1.45 -10.70
C SER B 180 32.21 2.54 -10.59
N GLU B 181 31.83 3.82 -10.67
CA GLU B 181 32.79 4.88 -10.51
C GLU B 181 32.42 5.66 -9.26
N SER B 182 33.42 5.86 -8.40
CA SER B 182 33.26 6.57 -7.13
C SER B 182 32.99 8.06 -7.30
N VAL B 183 32.23 8.66 -6.38
CA VAL B 183 31.98 10.08 -6.44
C VAL B 183 33.11 10.91 -5.80
N GLU B 184 34.25 10.25 -5.53
CA GLU B 184 35.34 10.96 -4.92
C GLU B 184 35.83 12.04 -5.84
N ASN B 185 35.53 11.90 -7.12
CA ASN B 185 35.94 12.90 -8.10
C ASN B 185 34.97 14.08 -8.21
N HIS B 186 33.92 14.07 -7.40
CA HIS B 186 32.95 15.16 -7.44
C HIS B 186 33.34 16.27 -6.51
N GLY B 187 32.86 17.50 -6.78
CA GLY B 187 33.20 18.57 -5.89
C GLY B 187 31.98 18.87 -5.06
N LEU B 188 32.16 19.12 -3.77
CA LEU B 188 31.01 19.40 -2.91
C LEU B 188 31.10 20.71 -2.14
N ARG B 189 30.00 21.47 -2.19
CA ARG B 189 29.87 22.71 -1.45
C ARG B 189 28.66 22.48 -0.54
N LEU B 190 28.80 22.77 0.75
CA LEU B 190 27.72 22.58 1.71
C LEU B 190 27.81 23.61 2.82
N ALA B 191 26.72 24.37 2.94
CA ALA B 191 26.59 25.44 3.94
C ALA B 191 26.25 25.02 5.36
N ALA B 192 27.14 24.22 5.92
CA ALA B 192 27.01 23.67 7.26
C ALA B 192 28.33 23.70 8.03
N SER B 193 28.26 24.28 9.24
CA SER B 193 29.37 24.43 10.18
C SER B 193 29.42 23.36 11.26
N ARG B 194 28.33 22.62 11.36
CA ARG B 194 28.33 21.58 12.38
C ARG B 194 27.75 20.25 11.92
N PHE B 195 28.08 19.20 12.67
CA PHE B 195 27.54 17.91 12.35
C PHE B 195 27.17 17.13 13.62
N VAL B 196 26.52 15.98 13.43
CA VAL B 196 26.08 15.12 14.53
C VAL B 196 26.79 13.77 14.49
N PRO B 197 27.74 13.59 15.39
CA PRO B 197 28.50 12.35 15.44
C PRO B 197 27.63 11.20 15.94
N LEU B 198 28.02 10.00 15.56
CA LEU B 198 27.32 8.79 15.91
C LEU B 198 27.98 8.09 17.09
N LYS B 199 27.17 7.53 17.96
CA LYS B 199 27.80 6.90 19.08
C LYS B 199 28.78 5.80 18.73
N ASP B 200 28.36 4.93 17.81
CA ASP B 200 29.12 3.75 17.37
C ASP B 200 28.56 3.09 16.10
N GLN B 201 28.95 1.82 15.93
CA GLN B 201 28.54 1.04 14.78
C GLN B 201 27.02 0.92 14.60
N THR B 202 26.28 1.01 15.71
CA THR B 202 24.84 0.94 15.61
C THR B 202 24.29 2.18 14.95
N GLU B 203 25.10 3.22 14.97
CA GLU B 203 24.70 4.43 14.28
C GLU B 203 23.68 5.33 14.89
N ILE B 204 23.43 5.16 16.18
CA ILE B 204 22.55 6.07 16.88
C ILE B 204 23.43 7.28 17.17
N VAL B 205 22.82 8.44 17.41
CA VAL B 205 23.59 9.65 17.71
C VAL B 205 24.34 9.62 19.02
N ARG B 206 25.51 10.23 18.98
CA ARG B 206 26.31 10.27 20.15
C ARG B 206 25.66 11.05 21.28
N GLY B 207 25.15 12.22 20.99
CA GLY B 207 24.49 13.01 22.04
C GLY B 207 24.88 14.48 21.99
N ASP B 208 25.97 14.70 21.29
CA ASP B 208 26.57 16.02 21.10
C ASP B 208 26.56 16.49 19.64
N ILE B 209 26.77 17.79 19.52
CA ILE B 209 26.86 18.51 18.26
C ILE B 209 28.25 19.07 18.13
N VAL B 210 28.93 18.72 17.09
CA VAL B 210 30.27 19.15 16.93
C VAL B 210 30.54 20.08 15.75
N ASP B 211 31.38 21.12 16.01
CA ASP B 211 31.82 22.11 15.01
C ASP B 211 32.84 21.49 14.02
N ILE B 212 32.61 21.52 12.73
CA ILE B 212 33.58 20.86 11.84
C ILE B 212 34.38 21.78 10.98
N LYS B 213 34.33 23.06 11.33
CA LYS B 213 35.04 24.07 10.56
C LYS B 213 36.50 23.76 10.49
N ASN B 214 37.02 23.79 9.28
CA ASN B 214 38.43 23.53 9.09
C ASN B 214 38.88 22.12 9.34
N THR B 215 38.01 21.16 9.11
CA THR B 215 38.36 19.77 9.26
C THR B 215 38.14 19.18 7.88
N ASP B 216 38.39 17.86 7.71
CA ASP B 216 38.17 17.24 6.42
C ASP B 216 36.67 17.18 6.08
N LEU B 217 35.79 17.52 7.06
CA LEU B 217 34.36 17.53 6.79
C LEU B 217 33.81 18.91 6.57
N ASP B 218 34.69 19.90 6.45
CA ASP B 218 34.22 21.27 6.22
C ASP B 218 34.11 21.52 4.73
N PHE B 219 32.90 21.62 4.20
CA PHE B 219 32.74 21.85 2.77
C PHE B 219 32.11 23.19 2.48
N ARG B 220 32.28 24.12 3.38
CA ARG B 220 31.69 25.43 3.11
C ARG B 220 32.21 26.01 1.82
N GLN B 221 33.47 25.74 1.57
CA GLN B 221 34.13 26.15 0.34
C GLN B 221 34.34 24.84 -0.38
N GLU B 222 33.99 24.82 -1.66
CA GLU B 222 34.03 23.64 -2.44
C GLU B 222 35.30 22.89 -2.36
N LYS B 223 35.16 21.60 -2.21
CA LYS B 223 36.31 20.74 -2.18
C LYS B 223 35.99 19.35 -2.71
N GLN B 224 37.00 18.60 -3.21
CA GLN B 224 36.71 17.26 -3.74
C GLN B 224 36.26 16.31 -2.63
N LEU B 225 35.37 15.36 -2.95
CA LEU B 225 34.92 14.46 -1.91
C LEU B 225 35.98 13.52 -1.38
N SER B 226 36.98 13.27 -2.21
CA SER B 226 38.07 12.38 -1.79
C SER B 226 38.71 12.85 -0.49
N ASN B 227 38.64 14.17 -0.21
CA ASN B 227 39.23 14.75 1.00
C ASN B 227 38.56 14.21 2.24
N ALA B 228 37.26 13.95 2.13
CA ALA B 228 36.53 13.37 3.25
C ALA B 228 36.82 11.87 3.30
N PHE B 229 36.74 11.21 2.13
CA PHE B 229 36.96 9.78 2.07
C PHE B 229 38.32 9.35 2.51
N ASN B 230 39.26 10.25 2.31
CA ASN B 230 40.59 9.87 2.68
C ASN B 230 40.87 10.25 4.11
N SER B 231 39.97 10.99 4.70
CA SER B 231 40.21 11.38 6.06
C SER B 231 40.29 10.24 7.06
N ASN B 232 41.07 10.43 8.11
CA ASN B 232 41.13 9.42 9.16
C ASN B 232 40.43 9.91 10.43
N MET B 233 39.64 10.98 10.31
CA MET B 233 38.92 11.41 11.48
C MET B 233 38.14 10.21 11.94
N GLU B 234 38.02 10.12 13.26
CA GLU B 234 37.33 9.04 13.92
C GLU B 234 35.92 8.82 13.34
N GLN B 235 35.20 9.91 13.14
CA GLN B 235 33.86 9.69 12.60
C GLN B 235 33.82 9.09 11.21
N VAL B 236 34.82 9.45 10.36
CA VAL B 236 34.93 8.95 9.02
C VAL B 236 35.28 7.46 9.02
N GLN B 237 36.21 7.07 9.87
CA GLN B 237 36.62 5.68 9.96
C GLN B 237 35.52 4.82 10.54
N LEU B 238 34.68 5.42 11.36
CA LEU B 238 33.62 4.67 11.99
C LEU B 238 32.68 4.02 10.96
N VAL B 239 32.35 4.82 9.96
CA VAL B 239 31.45 4.41 8.95
C VAL B 239 32.05 4.22 7.57
N LYS B 240 33.36 4.39 7.46
CA LYS B 240 34.01 4.20 6.17
C LYS B 240 33.51 5.17 5.10
N GLY B 241 33.28 6.40 5.47
CA GLY B 241 32.85 7.37 4.46
C GLY B 241 32.02 8.38 5.24
N ILE B 242 30.90 8.81 4.69
CA ILE B 242 30.02 9.77 5.37
C ILE B 242 28.66 9.11 5.60
N ASP B 243 28.02 9.42 6.73
CA ASP B 243 26.74 8.85 7.05
C ASP B 243 26.20 9.63 8.23
N HIS B 244 26.13 10.94 8.03
CA HIS B 244 25.75 11.81 9.11
C HIS B 244 24.93 12.98 8.71
N PRO B 245 24.27 13.52 9.71
CA PRO B 245 23.48 14.70 9.52
C PRO B 245 24.38 15.92 9.66
N PHE B 246 24.16 16.90 8.80
CA PHE B 246 24.89 18.16 8.79
C PHE B 246 23.87 19.26 9.10
N LEU B 247 24.17 20.15 10.06
CA LEU B 247 23.18 21.19 10.37
C LEU B 247 23.32 22.43 9.51
N LEU B 248 22.27 22.84 8.80
CA LEU B 248 22.45 24.04 8.00
C LEU B 248 22.66 25.25 8.90
N ASP B 249 23.54 26.09 8.39
CA ASP B 249 23.89 27.31 9.08
C ASP B 249 22.81 28.34 8.96
N GLN B 250 22.29 28.53 7.76
CA GLN B 250 21.23 29.49 7.44
C GLN B 250 20.03 28.78 6.83
N LEU B 251 18.89 28.92 7.48
CA LEU B 251 17.67 28.26 7.00
C LEU B 251 16.83 29.06 5.99
N GLY B 252 16.11 28.33 5.13
CA GLY B 252 15.27 28.96 4.11
C GLY B 252 15.39 28.33 2.73
N LEU B 253 14.24 28.24 2.09
CA LEU B 253 14.16 27.64 0.79
C LEU B 253 14.90 28.38 -0.32
N ASP B 254 15.17 29.66 -0.08
CA ASP B 254 15.83 30.56 -1.00
C ASP B 254 17.34 30.35 -1.12
N LYS B 255 17.93 29.77 -0.10
CA LYS B 255 19.35 29.59 -0.08
C LYS B 255 19.85 28.29 -0.71
N GLU B 256 20.89 28.38 -1.53
CA GLU B 256 21.48 27.18 -2.14
C GLU B 256 22.28 26.55 -1.02
N GLN B 257 21.78 25.47 -0.40
CA GLN B 257 22.47 24.85 0.72
C GLN B 257 23.62 23.92 0.39
N ALA B 258 23.51 23.29 -0.75
CA ALA B 258 24.53 22.36 -1.23
C ALA B 258 24.63 22.36 -2.73
N ARG B 259 25.81 22.01 -3.21
CA ARG B 259 26.03 21.98 -4.64
C ARG B 259 27.03 20.83 -4.92
N LEU B 260 26.63 19.92 -5.81
CA LEU B 260 27.45 18.75 -6.20
C LEU B 260 27.86 18.97 -7.66
N THR B 261 29.17 19.00 -7.95
CA THR B 261 29.66 19.27 -9.31
C THR B 261 30.63 18.26 -9.84
N LEU B 262 30.54 18.00 -11.15
CA LEU B 262 31.43 17.10 -11.88
C LEU B 262 31.57 17.72 -13.25
N ASP B 263 32.77 18.20 -13.55
CA ASP B 263 32.94 18.84 -14.84
C ASP B 263 31.93 19.97 -15.09
N ASP B 264 31.18 19.90 -16.17
CA ASP B 264 30.26 21.00 -16.44
C ASP B 264 28.87 20.92 -15.83
N THR B 265 28.59 19.83 -15.11
CA THR B 265 27.29 19.62 -14.47
C THR B 265 27.31 19.79 -12.96
N SER B 266 26.29 20.48 -12.46
CA SER B 266 26.07 20.72 -11.04
C SER B 266 24.63 20.42 -10.63
N ILE B 267 24.48 19.93 -9.41
CA ILE B 267 23.19 19.71 -8.82
C ILE B 267 23.12 20.64 -7.59
N SER B 268 22.12 21.49 -7.55
CA SER B 268 21.94 22.40 -6.44
C SER B 268 20.77 21.91 -5.58
N VAL B 269 20.94 22.06 -4.29
CA VAL B 269 19.97 21.62 -3.36
C VAL B 269 19.37 22.77 -2.56
N PHE B 270 18.05 22.85 -2.56
CA PHE B 270 17.31 23.87 -1.82
C PHE B 270 16.32 23.14 -0.94
N THR B 271 16.05 23.69 0.25
CA THR B 271 15.12 23.04 1.14
C THR B 271 14.62 23.93 2.24
N ASP B 272 13.51 23.55 2.80
CA ASP B 272 12.98 24.36 3.88
C ASP B 272 13.28 23.68 5.22
N GLN B 273 13.99 22.54 5.16
CA GLN B 273 14.37 21.73 6.33
C GLN B 273 15.68 22.22 6.94
N PRO B 274 15.95 21.86 8.20
CA PRO B 274 17.11 22.29 8.96
C PRO B 274 18.42 21.53 8.79
N SER B 275 18.33 20.32 8.24
CA SER B 275 19.51 19.56 8.01
C SER B 275 19.50 18.73 6.74
N ILE B 276 20.72 18.27 6.42
CA ILE B 276 20.94 17.41 5.29
C ILE B 276 21.75 16.22 5.76
N VAL B 277 21.12 15.05 5.67
CA VAL B 277 21.75 13.81 6.05
C VAL B 277 22.45 13.30 4.82
N ILE B 278 23.76 13.09 4.94
CA ILE B 278 24.53 12.65 3.79
C ILE B 278 25.09 11.24 4.00
N PHE B 279 24.86 10.36 3.01
CA PHE B 279 25.36 8.96 3.04
C PHE B 279 26.05 8.71 1.74
N THR B 280 27.31 8.25 1.77
CA THR B 280 28.07 8.04 0.58
C THR B 280 28.24 6.59 0.16
N ALA B 281 27.19 5.82 0.31
CA ALA B 281 27.21 4.43 -0.15
C ALA B 281 28.45 3.65 0.27
N ASN B 282 28.63 3.55 1.57
CA ASN B 282 29.80 2.91 2.18
C ASN B 282 29.62 1.43 2.22
N PHE B 283 29.27 0.90 1.06
CA PHE B 283 28.98 -0.51 0.95
C PHE B 283 30.14 -1.47 0.79
N GLY B 284 31.35 -0.98 0.70
CA GLY B 284 32.45 -1.88 0.52
C GLY B 284 32.35 -2.68 -0.76
N ASP B 285 32.59 -3.97 -0.59
CA ASP B 285 32.55 -4.88 -1.69
C ASP B 285 31.19 -5.51 -2.04
N LEU B 286 30.07 -5.03 -1.43
CA LEU B 286 28.74 -5.56 -1.69
C LEU B 286 28.49 -5.73 -3.19
N GLY B 287 28.90 -4.70 -3.94
CA GLY B 287 28.78 -4.72 -5.37
C GLY B 287 27.36 -4.80 -5.95
N THR B 288 26.39 -4.12 -5.39
CA THR B 288 25.09 -4.18 -6.01
C THR B 288 25.13 -3.76 -7.51
N LEU B 289 24.45 -4.51 -8.38
CA LEU B 289 24.45 -4.22 -9.79
C LEU B 289 23.43 -3.18 -10.21
N TYR B 290 23.89 -2.12 -10.88
CA TYR B 290 23.05 -1.05 -11.40
C TYR B 290 23.32 -1.02 -12.89
N HIS B 291 22.31 -1.41 -13.68
CA HIS B 291 22.45 -1.42 -15.13
C HIS B 291 23.64 -2.24 -15.54
N GLU B 292 23.79 -3.35 -14.85
CA GLU B 292 24.86 -4.30 -15.09
C GLU B 292 26.25 -3.86 -14.64
N LYS B 293 26.32 -2.73 -13.93
CA LYS B 293 27.61 -2.26 -13.42
C LYS B 293 27.65 -2.53 -11.93
N LYS B 294 28.76 -3.09 -11.44
CA LYS B 294 28.93 -3.44 -10.02
C LYS B 294 29.21 -2.16 -9.24
N GLN B 295 28.30 -1.81 -8.36
CA GLN B 295 28.50 -0.57 -7.61
C GLN B 295 29.73 -0.63 -6.74
N VAL B 296 30.53 0.46 -6.75
CA VAL B 296 31.71 0.53 -5.92
C VAL B 296 31.47 1.25 -4.60
N HIS B 297 32.37 1.01 -3.63
CA HIS B 297 32.33 1.68 -2.35
C HIS B 297 32.34 3.21 -2.65
N HIS B 298 31.40 4.00 -2.09
CA HIS B 298 31.44 5.42 -2.45
C HIS B 298 30.92 5.67 -3.86
N GLY B 299 30.17 4.69 -4.35
CA GLY B 299 29.58 4.78 -5.68
C GLY B 299 28.27 5.61 -5.70
N GLY B 300 28.06 6.53 -4.75
CA GLY B 300 26.84 7.34 -4.79
C GLY B 300 26.77 8.23 -3.56
N ILE B 301 25.91 9.25 -3.61
CA ILE B 301 25.77 10.13 -2.47
C ILE B 301 24.34 10.69 -2.38
N THR B 302 23.77 10.67 -1.17
CA THR B 302 22.42 11.20 -0.88
C THR B 302 22.53 12.58 -0.26
N PHE B 303 21.42 13.33 -0.32
CA PHE B 303 21.23 14.65 0.29
C PHE B 303 19.78 14.57 0.82
N GLU B 304 19.64 13.94 1.96
CA GLU B 304 18.38 13.74 2.60
C GLU B 304 18.05 14.91 3.49
N CYS B 305 17.20 15.72 2.95
CA CYS B 305 16.79 16.90 3.67
C CYS B 305 15.66 16.53 4.60
N GLN B 306 15.86 16.89 5.87
CA GLN B 306 14.84 16.62 6.90
C GLN B 306 15.26 17.24 8.20
N VAL B 307 14.46 16.99 9.23
CA VAL B 307 14.85 17.41 10.55
C VAL B 307 15.85 16.29 10.91
N SER B 308 16.97 16.66 11.52
CA SER B 308 18.01 15.71 11.90
C SER B 308 17.55 14.56 12.79
N PRO B 309 17.98 13.33 12.50
CA PRO B 309 17.66 12.25 13.39
C PRO B 309 18.36 12.50 14.76
N GLY B 310 17.89 11.87 15.81
CA GLY B 310 18.49 12.03 17.11
C GLY B 310 17.77 13.08 17.93
N SER B 311 16.70 13.71 17.42
CA SER B 311 16.05 14.73 18.26
C SER B 311 15.56 14.11 19.54
N GLU B 312 15.38 12.80 19.54
CA GLU B 312 14.91 12.16 20.75
C GLU B 312 15.93 12.39 21.87
N GLN B 313 17.24 12.34 21.56
CA GLN B 313 18.32 12.56 22.52
C GLN B 313 18.87 13.98 22.51
N ILE B 314 18.61 14.74 21.47
CA ILE B 314 19.13 16.08 21.35
C ILE B 314 18.04 17.01 20.89
N PRO B 315 17.27 17.36 21.87
CA PRO B 315 16.14 18.25 21.69
C PRO B 315 16.43 19.52 20.91
N GLU B 316 17.70 19.94 20.85
CA GLU B 316 18.13 21.12 20.15
C GLU B 316 17.88 20.94 18.66
N LEU B 317 18.00 19.70 18.19
CA LEU B 317 17.79 19.38 16.76
C LEU B 317 16.43 19.76 16.19
N GLY B 318 15.44 19.75 17.07
CA GLY B 318 14.10 20.07 16.68
C GLY B 318 13.07 19.15 17.37
N ASP B 319 11.84 19.24 16.85
CA ASP B 319 10.68 18.52 17.30
C ASP B 319 9.90 18.02 16.07
N ILE B 320 9.75 16.68 15.92
CA ILE B 320 9.07 16.10 14.77
C ILE B 320 7.66 15.64 15.08
N SER B 321 7.13 16.19 16.17
CA SER B 321 5.78 15.81 16.48
C SER B 321 4.83 16.47 15.49
N LEU B 322 3.69 15.82 15.29
CA LEU B 322 2.68 16.35 14.42
C LEU B 322 1.37 16.28 15.16
N LYS B 323 0.81 17.44 15.50
CA LYS B 323 -0.43 17.45 16.23
C LYS B 323 -1.57 17.05 15.36
N ALA B 324 -2.44 16.32 15.98
CA ALA B 324 -3.62 15.91 15.25
C ALA B 324 -4.29 17.12 14.61
N GLY B 325 -4.68 16.99 13.32
CA GLY B 325 -5.35 18.08 12.62
C GLY B 325 -4.40 19.08 11.95
N GLU B 326 -3.13 19.09 12.38
CA GLU B 326 -2.19 20.00 11.76
C GLU B 326 -1.66 19.50 10.45
N LYS B 327 -1.57 20.43 9.51
CA LYS B 327 -1.07 20.06 8.25
C LYS B 327 0.45 20.21 8.16
N TYR B 328 1.12 19.10 7.93
CA TYR B 328 2.55 19.09 7.75
C TYR B 328 2.85 19.42 6.28
N GLN B 329 3.97 20.12 6.04
CA GLN B 329 4.46 20.48 4.72
C GLN B 329 5.97 20.57 4.75
N ALA B 330 6.57 20.18 3.67
CA ALA B 330 8.01 20.21 3.49
C ALA B 330 8.26 20.30 2.00
N THR B 331 9.31 21.00 1.65
CA THR B 331 9.69 21.20 0.27
C THR B 331 11.20 21.15 0.12
N THR B 332 11.61 20.33 -0.84
CA THR B 332 13.00 20.16 -1.17
C THR B 332 13.15 20.29 -2.70
N ILE B 333 14.20 20.97 -3.16
CA ILE B 333 14.39 21.14 -4.58
C ILE B 333 15.81 20.80 -5.01
N TYR B 334 15.88 20.04 -6.08
CA TYR B 334 17.15 19.65 -6.67
C TYR B 334 17.15 20.29 -8.03
N SER B 335 18.11 21.18 -8.28
CA SER B 335 18.11 21.81 -9.58
C SER B 335 19.35 21.52 -10.40
N LEU B 336 19.15 21.26 -11.70
CA LEU B 336 20.23 20.95 -12.60
C LEU B 336 20.71 22.18 -13.36
N HIS B 337 22.03 22.33 -13.40
CA HIS B 337 22.72 23.41 -14.09
C HIS B 337 23.92 22.91 -14.85
N THR B 338 24.29 23.66 -15.88
CA THR B 338 25.45 23.30 -16.71
C THR B 338 26.37 24.49 -16.72
N LYS B 339 27.68 24.28 -16.61
CA LYS B 339 28.63 25.39 -16.60
C LYS B 339 28.39 26.43 -15.54
N LEU B 340 27.99 25.97 -14.37
CA LEU B 340 27.75 26.90 -13.26
C LEU B 340 29.05 27.50 -12.73
N GLU B 341 30.10 26.66 -12.81
CA GLU B 341 31.45 26.95 -12.32
C GLU B 341 32.50 26.16 -13.10
N HIS B 342 33.76 26.37 -12.75
CA HIS B 342 34.86 25.71 -13.41
C HIS B 342 35.29 24.57 -12.55
N HIS B 343 35.07 23.38 -13.01
CA HIS B 343 35.46 22.23 -12.24
C HIS B 343 36.20 21.30 -13.15
N HIS B 344 37.51 21.41 -13.13
CA HIS B 344 38.32 20.56 -14.00
C HIS B 344 39.38 19.92 -13.19
N HIS B 345 39.17 18.69 -12.80
CA HIS B 345 40.18 18.04 -11.99
C HIS B 345 40.42 16.66 -12.48
N HIS B 346 41.36 16.02 -11.81
CA HIS B 346 41.69 14.65 -12.12
C HIS B 346 42.02 13.89 -10.87
N HIS B 347 41.91 12.56 -10.97
CA HIS B 347 42.20 11.73 -9.82
C HIS B 347 43.18 10.65 -10.25
#